data_5DLM
#
_entry.id   5DLM
#
_cell.length_a   92.640
_cell.length_b   101.440
_cell.length_c   212.490
_cell.angle_alpha   90.000
_cell.angle_beta   90.000
_cell.angle_gamma   90.000
#
_symmetry.space_group_name_H-M   'C 2 2 21'
#
loop_
_entity.id
_entity.type
_entity.pdbx_description
1 polymer 'Heavy chain of monoclonal antibody'
2 polymer 'Light chain of monoclonal antibody'
3 polymer 'Matrix protein 2'
4 non-polymer 'SULFATE ION'
5 water water
#
loop_
_entity_poly.entity_id
_entity_poly.type
_entity_poly.pdbx_seq_one_letter_code
_entity_poly.pdbx_strand_id
1 'polypeptide(L)'
;QVQLQQSGGGSVKPGGSLKLSCSASGFSLSTYAMSWVRQTPEKRLEWVASMSSGGSLYYPDTVKGRFTISRDTVKNIVYL
QMSSLRSEDTAMYYCVRGGYGTSYWGQGTTVTVSSAKTTPPSVYPLAPGSAAQTNSMVTLGCLVKGYFPEPVTVTWNSGS
LSSGVHTFPAVLQSDLYTLSSSVTVPSSTWPSETVTCNVAHPASSTKVDKKIVPRD
;
H,I
2 'polypeptide(L)'
;DVLLTQTPLSLPVSLGEQASISCRSSQSIVHSIGDTYLEWYLQKPGQSPKLLIYKVSNRFSGVPDRFSGSGSGTDFTLKI
SRVEAEDLGIYYCFQGSHFPYTFGGGTKLEIKRADAAPTVSIFPPSSEQLTSGGASVVCFLNNFYPKDINVKWKIDGSER
QNGVLNSWTDQDSKDSTYSMSSTLTLTKDEYERHNSYTCEATHKTSTSPIVKSFNRN
;
L,M
3 'polypeptide(L)' SLLTEVETPIRNEGGCRCNDSSD X,Y
#
loop_
_chem_comp.id
_chem_comp.type
_chem_comp.name
_chem_comp.formula
SO4 non-polymer 'SULFATE ION' 'O4 S -2'
#
# COMPACT_ATOMS: atom_id res chain seq x y z
N GLN A 1 31.12 36.96 10.11
CA GLN A 1 30.04 36.35 9.27
C GLN A 1 30.28 34.85 8.98
N VAL A 2 29.37 34.11 9.53
CA VAL A 2 29.51 32.75 9.85
C VAL A 2 29.28 31.91 8.61
N GLN A 3 30.21 31.00 8.29
CA GLN A 3 29.88 29.91 7.39
C GLN A 3 30.26 28.59 8.06
N LEU A 4 29.42 27.59 7.81
CA LEU A 4 29.80 26.23 8.11
C LEU A 4 29.47 25.36 6.94
N GLN A 5 30.46 24.56 6.44
CA GLN A 5 30.19 23.56 5.37
C GLN A 5 30.62 22.25 5.76
N GLN A 6 29.66 21.36 5.71
CA GLN A 6 29.90 20.01 6.01
C GLN A 6 30.26 19.25 4.72
N SER A 7 31.14 18.26 4.83
CA SER A 7 31.44 17.41 3.71
C SER A 7 31.81 16.04 4.24
N GLY A 8 31.95 15.07 3.35
CA GLY A 8 32.36 13.75 3.68
C GLY A 8 31.19 12.77 3.72
N GLY A 9 30.00 13.25 3.46
CA GLY A 9 28.90 12.27 3.36
C GLY A 9 29.01 11.41 2.09
N GLY A 10 28.08 10.45 2.01
CA GLY A 10 27.95 9.54 0.90
C GLY A 10 27.42 8.20 1.42
N SER A 11 27.71 7.17 0.65
CA SER A 11 27.28 5.82 0.92
C SER A 11 28.34 5.03 1.75
N VAL A 12 27.94 4.16 2.61
CA VAL A 12 28.89 3.33 3.40
C VAL A 12 28.16 2.08 3.89
N LYS A 13 28.84 0.94 3.91
CA LYS A 13 28.17 -0.33 4.25
C LYS A 13 27.89 -0.42 5.73
N PRO A 14 26.86 -1.18 6.09
CA PRO A 14 26.66 -1.42 7.54
C PRO A 14 27.94 -1.97 8.14
N GLY A 15 28.35 -1.51 9.28
CA GLY A 15 29.61 -1.96 9.88
C GLY A 15 30.81 -1.07 9.54
N GLY A 16 30.69 -0.26 8.48
CA GLY A 16 31.80 0.54 8.02
C GLY A 16 31.94 1.80 8.81
N SER A 17 32.89 2.61 8.38
CA SER A 17 33.15 3.83 9.14
C SER A 17 33.31 5.01 8.18
N LEU A 18 33.12 6.24 8.70
CA LEU A 18 33.11 7.41 7.81
C LEU A 18 33.52 8.56 8.63
N LYS A 19 34.30 9.45 8.03
CA LYS A 19 34.70 10.68 8.71
C LYS A 19 34.07 11.95 8.08
N LEU A 20 33.26 12.67 8.87
CA LEU A 20 32.65 13.93 8.41
C LEU A 20 33.46 15.14 8.79
N SER A 21 33.48 16.17 7.96
CA SER A 21 34.15 17.41 8.31
C SER A 21 33.21 18.56 8.28
N CYS A 22 33.52 19.57 9.06
CA CYS A 22 32.79 20.81 9.02
C CYS A 22 33.82 21.90 9.04
N SER A 23 33.81 22.63 7.96
CA SER A 23 34.79 23.61 7.70
C SER A 23 34.19 25.02 8.02
N ALA A 24 34.80 25.69 9.00
CA ALA A 24 34.22 26.88 9.58
C ALA A 24 34.92 28.13 9.14
N SER A 25 34.18 29.24 8.95
CA SER A 25 34.81 30.54 8.70
C SER A 25 34.05 31.75 9.24
N GLY A 26 34.73 32.89 9.28
CA GLY A 26 34.24 34.08 10.02
C GLY A 26 34.22 34.01 11.55
N PHE A 27 34.75 32.96 12.15
CA PHE A 27 34.87 32.93 13.60
C PHE A 27 35.95 31.94 14.01
N SER A 28 36.37 32.04 15.26
CA SER A 28 37.33 31.16 15.83
C SER A 28 36.58 30.00 16.53
N LEU A 29 36.79 28.79 16.01
CA LEU A 29 36.14 27.56 16.55
C LEU A 29 36.08 27.34 18.06
N SER A 30 37.26 27.62 18.58
CA SER A 30 37.69 27.52 19.90
C SER A 30 36.83 28.37 20.83
N THR A 31 36.29 29.49 20.37
CA THR A 31 35.49 30.34 21.25
C THR A 31 34.01 29.80 21.40
N TYR A 32 33.56 28.92 20.52
CA TYR A 32 32.21 28.37 20.54
C TYR A 32 32.16 26.85 20.86
N ALA A 33 30.97 26.44 21.25
CA ALA A 33 30.59 25.00 21.28
C ALA A 33 30.14 24.55 19.86
N MET A 34 30.62 23.40 19.42
CA MET A 34 30.33 22.84 18.10
C MET A 34 29.71 21.53 18.32
N SER A 35 28.59 21.30 17.61
CA SER A 35 27.83 20.05 17.76
C SER A 35 27.46 19.44 16.38
N TRP A 36 27.02 18.20 16.41
CA TRP A 36 26.46 17.49 15.26
C TRP A 36 25.03 17.06 15.65
N VAL A 37 24.07 17.42 14.81
CA VAL A 37 22.68 17.02 14.91
C VAL A 37 22.31 16.44 13.53
N ARG A 38 21.59 15.35 13.55
CA ARG A 38 21.17 14.66 12.34
C ARG A 38 19.68 14.60 12.24
N GLN A 39 19.22 14.60 11.00
CA GLN A 39 17.82 14.49 10.68
C GLN A 39 17.64 13.21 9.92
N THR A 40 16.83 12.33 10.44
CA THR A 40 16.62 11.00 9.84
C THR A 40 15.67 11.14 8.64
N PRO A 41 15.53 10.08 7.84
CA PRO A 41 14.60 10.06 6.71
C PRO A 41 13.13 10.25 7.13
N GLU A 42 12.79 9.87 8.36
CA GLU A 42 11.46 10.15 8.89
C GLU A 42 11.32 11.60 9.47
N LYS A 43 12.35 12.43 9.36
CA LYS A 43 12.40 13.84 9.88
C LYS A 43 12.42 14.03 11.35
N ARG A 44 13.05 13.10 12.07
CA ARG A 44 13.31 13.28 13.48
C ARG A 44 14.62 14.02 13.47
N LEU A 45 14.77 14.96 14.36
CA LEU A 45 16.08 15.51 14.71
C LEU A 45 16.64 14.81 15.95
N GLU A 46 17.94 14.50 15.93
CA GLU A 46 18.63 13.80 17.00
C GLU A 46 19.99 14.43 17.20
N TRP A 47 20.27 14.74 18.45
CA TRP A 47 21.58 15.21 18.84
C TRP A 47 22.52 14.05 18.89
N VAL A 48 23.70 14.25 18.33
CA VAL A 48 24.69 13.16 18.15
C VAL A 48 26.02 13.43 18.88
N ALA A 49 26.44 14.71 19.00
CA ALA A 49 27.63 15.02 19.74
C ALA A 49 27.82 16.51 19.97
N SER A 50 28.47 16.87 21.07
CA SER A 50 28.92 18.25 21.31
C SER A 50 30.36 18.30 21.87
N MET A 51 31.05 19.38 21.54
CA MET A 51 32.32 19.75 22.08
C MET A 51 32.22 21.18 22.57
N SER A 52 32.38 21.42 23.86
CA SER A 52 32.29 22.78 24.34
C SER A 52 33.46 23.59 23.83
N SER A 53 33.39 24.91 23.99
CA SER A 53 34.57 25.74 23.72
C SER A 53 35.84 25.28 24.48
N GLY A 54 35.66 24.93 25.75
CA GLY A 54 36.73 24.37 26.58
C GLY A 54 37.14 22.95 26.24
N GLY A 55 36.45 22.24 25.33
CA GLY A 55 36.92 20.92 24.87
C GLY A 55 36.25 19.69 25.51
N SER A 56 35.29 19.88 26.43
CA SER A 56 34.56 18.72 26.99
C SER A 56 33.65 18.09 25.88
N LEU A 57 33.60 16.76 25.90
CA LEU A 57 32.99 15.93 24.91
C LEU A 57 31.73 15.26 25.50
N TYR A 58 30.66 15.23 24.73
CA TYR A 58 29.38 14.81 25.18
C TYR A 58 28.70 14.05 24.02
N TYR A 59 28.17 12.88 24.34
CA TYR A 59 27.53 12.02 23.40
C TYR A 59 26.32 11.38 24.00
N PRO A 60 25.28 11.14 23.22
CA PRO A 60 24.24 10.25 23.74
C PRO A 60 24.68 8.79 23.70
N ASP A 61 24.02 7.98 24.49
CA ASP A 61 24.24 6.53 24.53
C ASP A 61 24.00 5.76 23.26
N THR A 62 23.12 6.25 22.38
CA THR A 62 22.89 5.57 21.12
C THR A 62 24.17 5.51 20.22
N VAL A 63 25.10 6.42 20.41
CA VAL A 63 26.36 6.49 19.59
C VAL A 63 27.66 6.39 20.45
N LYS A 64 27.51 6.31 21.77
CA LYS A 64 28.66 6.36 22.63
C LYS A 64 29.54 5.17 22.23
N GLY A 65 30.84 5.43 22.17
CA GLY A 65 31.82 4.43 21.81
C GLY A 65 31.94 4.16 20.32
N ARG A 66 31.07 4.78 19.51
CA ARG A 66 31.14 4.65 18.07
C ARG A 66 31.52 5.95 17.40
N PHE A 67 31.09 7.08 17.93
CA PHE A 67 31.23 8.38 17.27
C PHE A 67 32.26 9.18 18.09
N THR A 68 33.13 9.92 17.44
CA THR A 68 34.08 10.79 18.09
C THR A 68 34.00 12.18 17.47
N ILE A 69 33.69 13.18 18.25
CA ILE A 69 33.80 14.60 17.80
C ILE A 69 35.18 15.15 18.19
N SER A 70 35.76 15.94 17.31
CA SER A 70 37.10 16.53 17.54
C SER A 70 37.20 17.77 16.71
N ARG A 71 38.20 18.60 16.99
CA ARG A 71 38.41 19.82 16.19
C ARG A 71 39.89 20.09 15.96
N ASP A 72 40.15 20.84 14.90
CA ASP A 72 41.51 21.24 14.57
C ASP A 72 41.45 22.76 14.37
N THR A 73 42.03 23.48 15.32
CA THR A 73 41.82 24.90 15.39
C THR A 73 42.79 25.57 14.52
N VAL A 74 43.79 24.86 13.97
CA VAL A 74 44.67 25.41 12.93
C VAL A 74 43.94 25.48 11.58
N LYS A 75 43.31 24.39 11.16
CA LYS A 75 42.55 24.40 9.90
C LYS A 75 41.14 24.95 10.15
N ASN A 76 40.72 25.03 11.40
CA ASN A 76 39.39 25.57 11.74
C ASN A 76 38.29 24.65 11.22
N ILE A 77 38.50 23.37 11.49
CA ILE A 77 37.59 22.31 11.09
C ILE A 77 37.15 21.49 12.30
N VAL A 78 35.87 21.09 12.33
CA VAL A 78 35.31 20.16 13.30
C VAL A 78 34.97 18.89 12.60
N TYR A 79 35.23 17.75 13.23
CA TYR A 79 35.11 16.43 12.61
C TYR A 79 34.14 15.58 13.42
N LEU A 80 33.49 14.64 12.73
CA LEU A 80 32.77 13.55 13.36
C LEU A 80 33.21 12.26 12.73
N GLN A 81 33.81 11.41 13.52
CA GLN A 81 34.34 10.13 13.06
C GLN A 81 33.31 9.14 13.49
N MET A 82 32.82 8.33 12.56
CA MET A 82 31.76 7.41 12.90
C MET A 82 32.29 6.05 12.59
N SER A 83 31.94 5.04 13.38
CA SER A 83 32.27 3.65 13.05
C SER A 83 31.12 2.72 13.49
N SER A 84 31.26 1.44 13.13
CA SER A 84 30.18 0.43 13.22
C SER A 84 28.86 1.06 12.84
N LEU A 85 28.82 1.66 11.68
CA LEU A 85 27.66 2.28 11.22
C LEU A 85 26.49 1.28 11.02
N ARG A 86 25.30 1.73 11.41
CA ARG A 86 24.07 0.96 11.28
C ARG A 86 23.11 1.73 10.43
N SER A 87 22.07 1.04 10.02
CA SER A 87 21.02 1.57 9.24
C SER A 87 20.38 2.80 9.83
N GLU A 88 20.07 2.74 11.11
CA GLU A 88 19.52 3.89 11.80
C GLU A 88 20.47 5.12 11.88
N ASP A 89 21.70 4.99 11.47
CA ASP A 89 22.60 6.17 11.36
C ASP A 89 22.44 6.95 10.04
N THR A 90 21.60 6.41 9.13
CA THR A 90 21.27 7.08 7.89
C THR A 90 20.55 8.39 8.15
N ALA A 91 21.09 9.47 7.67
CA ALA A 91 20.53 10.77 8.00
C ALA A 91 21.33 11.91 7.31
N MET A 92 20.79 13.08 7.36
CA MET A 92 21.52 14.33 7.01
C MET A 92 22.24 14.86 8.30
N TYR A 93 23.55 15.07 8.25
CA TYR A 93 24.30 15.46 9.40
C TYR A 93 24.63 16.95 9.32
N TYR A 94 24.16 17.71 10.30
CA TYR A 94 24.40 19.08 10.43
C TYR A 94 25.46 19.34 11.55
N CYS A 95 26.26 20.36 11.30
CA CYS A 95 27.24 20.91 12.16
C CYS A 95 26.61 22.17 12.73
N VAL A 96 26.74 22.43 14.04
CA VAL A 96 26.02 23.53 14.72
C VAL A 96 26.97 24.27 15.61
N ARG A 97 27.10 25.58 15.40
CA ARG A 97 27.80 26.48 16.30
C ARG A 97 26.84 27.05 17.36
N GLY A 98 27.24 26.96 18.63
CA GLY A 98 26.44 27.48 19.74
C GLY A 98 27.26 28.40 20.61
N GLY A 99 26.61 29.47 20.98
CA GLY A 99 27.14 30.37 22.01
C GLY A 99 26.43 31.69 22.16
N TYR A 100 26.41 32.19 23.38
CA TYR A 100 25.95 33.53 23.64
C TYR A 100 24.47 33.71 23.21
N GLY A 101 23.67 32.65 23.34
CA GLY A 101 22.25 32.73 22.99
C GLY A 101 22.05 32.70 21.48
N THR A 102 22.91 31.97 20.77
CA THR A 102 22.81 31.89 19.32
C THR A 102 23.14 30.53 18.86
N SER A 103 22.57 30.14 17.75
CA SER A 103 22.82 28.78 17.08
C SER A 103 22.80 29.05 15.62
N TYR A 104 23.70 28.40 14.92
CA TYR A 104 23.88 28.54 13.52
C TYR A 104 24.25 27.17 12.95
N TRP A 105 23.48 26.69 11.98
CA TRP A 105 23.62 25.33 11.50
C TRP A 105 24.13 25.40 10.04
N GLY A 106 25.02 24.50 9.64
CA GLY A 106 25.39 24.41 8.22
C GLY A 106 24.29 23.82 7.37
N GLN A 107 24.59 23.55 6.11
CA GLN A 107 23.62 23.02 5.15
C GLN A 107 23.45 21.51 5.22
N GLY A 108 24.39 20.81 5.80
CA GLY A 108 24.22 19.35 6.04
C GLY A 108 24.96 18.55 5.01
N THR A 109 25.38 17.34 5.39
CA THR A 109 25.96 16.36 4.40
C THR A 109 25.22 15.04 4.64
N THR A 110 24.76 14.35 3.60
CA THR A 110 23.84 13.13 3.70
C THR A 110 24.72 11.87 3.79
N VAL A 111 24.39 11.02 4.78
CA VAL A 111 25.05 9.77 5.01
C VAL A 111 24.02 8.70 4.85
N THR A 112 24.28 7.81 3.93
CA THR A 112 23.36 6.75 3.65
C THR A 112 24.10 5.42 4.04
N VAL A 113 23.51 4.65 4.94
CA VAL A 113 24.16 3.40 5.34
C VAL A 113 23.46 2.27 4.66
N SER A 114 24.15 1.59 3.77
CA SER A 114 23.46 0.74 2.84
C SER A 114 24.49 -0.14 2.13
N SER A 115 24.02 -1.26 1.77
CA SER A 115 24.72 -2.19 0.92
C SER A 115 24.63 -1.95 -0.59
N ALA A 116 23.71 -1.10 -1.00
CA ALA A 116 23.44 -0.94 -2.44
C ALA A 116 24.67 -0.32 -3.18
N LYS A 117 24.81 -0.59 -4.47
CA LYS A 117 25.97 -0.13 -5.22
C LYS A 117 25.80 1.34 -5.57
N THR A 118 26.90 2.08 -5.48
CA THR A 118 26.98 3.37 -6.08
C THR A 118 26.77 3.37 -7.59
N THR A 119 25.79 4.14 -8.07
CA THR A 119 25.45 4.18 -9.48
C THR A 119 25.21 5.64 -10.00
N PRO A 120 25.88 6.06 -11.08
CA PRO A 120 25.66 7.44 -11.60
C PRO A 120 24.29 7.55 -12.24
N PRO A 121 23.75 8.77 -12.36
CA PRO A 121 22.50 8.94 -13.02
C PRO A 121 22.59 8.88 -14.58
N SER A 122 21.50 8.48 -15.20
CA SER A 122 21.20 8.77 -16.58
C SER A 122 20.32 10.02 -16.55
N VAL A 123 20.68 11.02 -17.36
CA VAL A 123 19.98 12.31 -17.47
C VAL A 123 19.37 12.42 -18.86
N TYR A 124 18.06 12.49 -18.93
CA TYR A 124 17.27 12.51 -20.18
C TYR A 124 16.55 13.86 -20.30
N PRO A 125 16.65 14.51 -21.45
CA PRO A 125 16.01 15.81 -21.68
C PRO A 125 14.51 15.66 -21.88
N LEU A 126 13.73 16.62 -21.40
CA LEU A 126 12.34 16.66 -21.62
C LEU A 126 12.00 17.86 -22.45
N ALA A 127 11.76 17.62 -23.72
CA ALA A 127 11.36 18.63 -24.66
C ALA A 127 9.93 18.35 -25.15
N PRO A 128 9.13 19.42 -25.37
CA PRO A 128 7.74 19.31 -25.85
C PRO A 128 7.65 18.54 -27.15
N GLY A 129 6.58 17.78 -27.33
CA GLY A 129 6.33 17.15 -28.65
C GLY A 129 6.33 18.15 -29.83
N SER A 130 6.94 17.72 -30.96
CA SER A 130 6.94 18.43 -32.27
C SER A 130 5.69 19.29 -32.62
N ALA A 131 4.52 18.69 -32.39
CA ALA A 131 3.20 19.28 -32.68
C ALA A 131 2.54 20.01 -31.47
N ALA A 132 3.21 20.06 -30.30
CA ALA A 132 2.73 20.87 -29.15
C ALA A 132 2.66 22.36 -29.51
N GLN A 133 1.95 23.15 -28.68
CA GLN A 133 1.64 24.58 -28.97
C GLN A 133 2.30 25.65 -28.03
N THR A 134 2.16 26.91 -28.43
CA THR A 134 3.10 28.03 -28.08
C THR A 134 2.98 28.55 -26.59
N ASN A 135 1.74 28.90 -26.19
CA ASN A 135 1.36 29.52 -24.88
C ASN A 135 1.98 30.89 -24.54
N SER A 136 3.18 31.13 -25.08
CA SER A 136 4.08 32.21 -24.67
C SER A 136 5.04 31.83 -23.49
N MET A 137 4.64 30.93 -22.57
CA MET A 137 5.59 30.29 -21.62
C MET A 137 5.73 28.82 -22.06
N VAL A 138 6.97 28.35 -22.11
CA VAL A 138 7.29 27.02 -22.45
C VAL A 138 8.00 26.38 -21.24
N THR A 139 7.54 25.20 -20.91
CA THR A 139 8.09 24.41 -19.87
C THR A 139 8.95 23.30 -20.47
N LEU A 140 10.15 23.15 -19.93
CA LEU A 140 11.10 22.12 -20.32
C LEU A 140 11.56 21.36 -19.08
N GLY A 141 12.20 20.24 -19.25
CA GLY A 141 12.65 19.48 -18.12
C GLY A 141 13.81 18.54 -18.32
N CYS A 142 14.11 17.87 -17.22
CA CYS A 142 15.23 17.00 -17.08
C CYS A 142 14.73 15.76 -16.22
N LEU A 143 14.96 14.57 -16.68
CA LEU A 143 14.64 13.35 -15.89
C LEU A 143 15.87 12.59 -15.54
N VAL A 144 16.05 12.42 -14.25
CA VAL A 144 17.34 11.99 -13.71
C VAL A 144 17.03 10.66 -13.08
N LYS A 145 17.57 9.60 -13.67
CA LYS A 145 17.14 8.30 -13.36
C LYS A 145 18.26 7.34 -13.05
N GLY A 146 17.94 6.33 -12.26
CA GLY A 146 18.86 5.23 -11.99
C GLY A 146 20.11 5.42 -11.15
N TYR A 147 20.08 6.26 -10.15
CA TYR A 147 21.30 6.58 -9.42
C TYR A 147 21.23 6.18 -7.93
N PHE A 148 22.40 6.10 -7.32
CA PHE A 148 22.48 5.76 -5.91
C PHE A 148 23.85 6.13 -5.39
N PRO A 149 23.98 6.67 -4.20
CA PRO A 149 22.94 7.24 -3.39
C PRO A 149 22.56 8.68 -3.70
N GLU A 150 21.60 9.15 -2.93
CA GLU A 150 21.37 10.59 -2.78
C GLU A 150 22.59 11.30 -2.16
N PRO A 151 22.81 12.56 -2.48
CA PRO A 151 22.00 13.40 -3.39
C PRO A 151 22.53 13.59 -4.81
N VAL A 152 21.70 14.12 -5.66
CA VAL A 152 22.19 14.75 -6.88
C VAL A 152 21.81 16.24 -6.75
N THR A 153 22.56 17.12 -7.38
CA THR A 153 22.16 18.53 -7.47
CA THR A 153 22.15 18.52 -7.47
C THR A 153 21.81 18.83 -8.95
N VAL A 154 20.78 19.64 -9.14
CA VAL A 154 20.30 20.04 -10.41
C VAL A 154 20.23 21.50 -10.45
N THR A 155 20.92 22.09 -11.42
CA THR A 155 20.75 23.49 -11.72
C THR A 155 20.42 23.61 -13.19
N TRP A 156 20.01 24.79 -13.57
CA TRP A 156 19.68 25.13 -14.95
C TRP A 156 20.54 26.31 -15.39
N ASN A 157 21.22 26.13 -16.52
CA ASN A 157 22.20 27.09 -17.00
C ASN A 157 23.21 27.55 -15.97
N SER A 158 23.69 26.60 -15.21
CA SER A 158 24.67 26.83 -14.13
C SER A 158 24.14 27.72 -13.03
N GLY A 159 22.84 27.73 -12.75
CA GLY A 159 22.31 28.58 -11.72
C GLY A 159 21.75 29.86 -12.27
N SER A 160 22.00 30.23 -13.53
CA SER A 160 21.47 31.46 -14.11
C SER A 160 19.96 31.45 -14.28
N LEU A 161 19.36 30.31 -14.50
CA LEU A 161 17.87 30.25 -14.53
C LEU A 161 17.48 29.63 -13.21
N SER A 162 16.95 30.43 -12.34
CA SER A 162 16.69 30.00 -10.98
C SER A 162 15.22 30.16 -10.71
N SER A 163 14.60 31.21 -11.21
CA SER A 163 13.12 31.31 -11.06
C SER A 163 12.38 30.46 -12.14
N GLY A 164 11.23 30.02 -11.76
CA GLY A 164 10.45 29.13 -12.55
C GLY A 164 10.93 27.68 -12.55
N VAL A 165 11.82 27.30 -11.63
CA VAL A 165 12.28 25.99 -11.50
C VAL A 165 11.54 25.22 -10.43
N HIS A 166 11.17 23.96 -10.72
CA HIS A 166 10.68 23.02 -9.65
C HIS A 166 11.52 21.77 -9.79
N THR A 167 12.25 21.43 -8.77
CA THR A 167 13.05 20.22 -8.75
C THR A 167 12.29 19.30 -7.81
N PHE A 168 11.88 18.14 -8.27
CA PHE A 168 10.95 17.23 -7.52
C PHE A 168 11.78 16.34 -6.63
N PRO A 169 11.31 16.05 -5.36
CA PRO A 169 12.09 15.16 -4.50
C PRO A 169 12.29 13.78 -5.17
N ALA A 170 13.48 13.24 -5.02
CA ALA A 170 13.85 11.92 -5.47
C ALA A 170 13.06 10.88 -4.75
N VAL A 171 12.72 9.82 -5.44
CA VAL A 171 12.00 8.71 -4.87
C VAL A 171 12.84 7.43 -5.10
N LEU A 172 12.93 6.57 -4.09
CA LEU A 172 13.68 5.35 -4.17
C LEU A 172 12.82 4.16 -4.69
N GLN A 173 13.28 3.51 -5.72
CA GLN A 173 12.65 2.31 -6.23
C GLN A 173 13.73 1.26 -6.51
N SER A 174 13.62 0.15 -5.81
N SER A 174 13.65 0.17 -5.78
CA SER A 174 14.69 -0.85 -5.79
CA SER A 174 14.74 -0.83 -5.74
C SER A 174 15.79 -0.15 -4.98
C SER A 174 15.83 -0.18 -4.91
N ASP A 175 17.00 -0.18 -5.49
CA ASP A 175 18.11 0.48 -4.91
C ASP A 175 18.37 1.64 -5.85
N LEU A 176 17.36 2.20 -6.54
CA LEU A 176 17.65 3.27 -7.45
C LEU A 176 16.71 4.45 -7.26
N TYR A 177 17.28 5.64 -7.30
CA TYR A 177 16.50 6.90 -7.21
C TYR A 177 16.19 7.42 -8.59
N THR A 178 15.09 8.13 -8.64
CA THR A 178 14.62 8.85 -9.77
C THR A 178 14.08 10.19 -9.31
N LEU A 179 14.45 11.23 -10.03
CA LEU A 179 14.03 12.62 -9.75
C LEU A 179 13.81 13.32 -11.07
N SER A 180 13.03 14.38 -11.05
CA SER A 180 12.94 15.23 -12.21
C SER A 180 12.94 16.69 -11.83
N SER A 181 13.18 17.54 -12.81
CA SER A 181 13.18 18.99 -12.66
C SER A 181 12.51 19.62 -13.87
N SER A 182 11.65 20.60 -13.62
CA SER A 182 11.11 21.44 -14.65
C SER A 182 11.65 22.86 -14.60
N VAL A 183 11.74 23.50 -15.76
CA VAL A 183 11.99 24.94 -15.85
C VAL A 183 11.04 25.57 -16.87
N THR A 184 10.59 26.75 -16.55
CA THR A 184 9.62 27.43 -17.41
C THR A 184 10.27 28.74 -17.87
N VAL A 185 10.35 28.97 -19.17
CA VAL A 185 10.90 30.25 -19.73
C VAL A 185 10.01 30.86 -20.80
N PRO A 186 10.21 32.14 -21.13
CA PRO A 186 9.33 32.63 -22.20
C PRO A 186 9.66 31.89 -23.50
N SER A 187 8.62 31.60 -24.28
CA SER A 187 8.84 30.98 -25.63
C SER A 187 9.64 31.81 -26.62
N SER A 188 9.68 33.12 -26.44
CA SER A 188 10.60 33.99 -27.21
C SER A 188 12.07 33.77 -26.95
N THR A 189 12.41 33.04 -25.86
CA THR A 189 13.81 32.75 -25.47
C THR A 189 14.26 31.32 -25.75
N TRP A 190 13.36 30.46 -26.12
CA TRP A 190 13.75 29.07 -26.37
C TRP A 190 12.96 28.56 -27.56
N PRO A 191 13.67 28.01 -28.53
CA PRO A 191 15.10 27.58 -28.52
C PRO A 191 16.17 28.59 -28.84
N SER A 192 15.83 29.85 -29.11
CA SER A 192 16.89 30.78 -29.51
C SER A 192 18.02 30.77 -28.52
N GLU A 193 17.72 30.62 -27.23
CA GLU A 193 18.75 30.65 -26.18
C GLU A 193 18.77 29.27 -25.55
N THR A 194 19.96 28.84 -25.25
CA THR A 194 20.27 27.51 -24.78
C THR A 194 19.73 27.30 -23.38
N VAL A 195 19.21 26.12 -23.14
CA VAL A 195 18.78 25.72 -21.79
C VAL A 195 19.37 24.37 -21.56
N THR A 196 20.10 24.22 -20.47
CA THR A 196 20.92 23.06 -20.20
C THR A 196 20.63 22.70 -18.73
N CYS A 197 20.34 21.43 -18.42
CA CYS A 197 20.29 21.07 -17.01
C CYS A 197 21.63 20.56 -16.59
N ASN A 198 22.08 20.99 -15.45
CA ASN A 198 23.39 20.56 -14.87
C ASN A 198 23.10 19.67 -13.67
N VAL A 199 23.44 18.42 -13.83
CA VAL A 199 23.28 17.42 -12.80
C VAL A 199 24.62 16.98 -12.24
N ALA A 200 24.79 17.10 -10.94
CA ALA A 200 26.01 16.60 -10.30
C ALA A 200 25.64 15.46 -9.40
N HIS A 201 26.48 14.44 -9.37
CA HIS A 201 26.32 13.28 -8.45
C HIS A 201 27.68 13.11 -7.78
N PRO A 202 27.90 13.80 -6.65
CA PRO A 202 29.22 13.73 -5.97
C PRO A 202 29.68 12.33 -5.58
N ALA A 203 28.79 11.43 -5.14
CA ALA A 203 29.27 10.08 -4.77
C ALA A 203 29.93 9.32 -5.90
N SER A 204 29.55 9.55 -7.18
CA SER A 204 30.24 8.88 -8.34
C SER A 204 31.19 9.85 -9.05
N SER A 205 31.42 11.02 -8.45
CA SER A 205 32.23 12.09 -9.06
C SER A 205 31.80 12.39 -10.55
N THR A 206 30.53 12.43 -10.78
CA THR A 206 29.95 12.61 -12.09
C THR A 206 29.09 13.89 -12.28
N LYS A 207 29.28 14.54 -13.41
CA LYS A 207 28.48 15.72 -13.87
C LYS A 207 28.01 15.48 -15.28
N VAL A 208 26.73 15.71 -15.48
CA VAL A 208 26.13 15.65 -16.74
C VAL A 208 25.54 17.01 -17.08
N ASP A 209 25.92 17.60 -18.21
CA ASP A 209 25.24 18.85 -18.73
C ASP A 209 24.44 18.58 -19.97
N LYS A 210 23.14 18.40 -19.86
CA LYS A 210 22.28 18.01 -20.93
C LYS A 210 21.53 19.23 -21.44
N LYS A 211 21.87 19.57 -22.63
CA LYS A 211 21.15 20.63 -23.35
C LYS A 211 19.76 20.13 -23.80
N ILE A 212 18.75 20.93 -23.62
CA ILE A 212 17.43 20.60 -24.08
C ILE A 212 17.25 21.08 -25.52
N VAL A 213 17.25 20.16 -26.46
CA VAL A 213 17.15 20.44 -27.91
C VAL A 213 15.71 20.27 -28.35
N PRO A 214 15.20 21.12 -29.24
CA PRO A 214 13.80 20.92 -29.64
C PRO A 214 13.69 19.74 -30.56
N ARG A 215 12.53 19.12 -30.58
CA ARG A 215 12.49 17.76 -31.20
C ARG A 215 12.42 17.77 -32.74
N ASP A 216 13.00 16.76 -33.43
CA ASP A 216 12.73 16.54 -34.88
C ASP A 216 13.49 17.55 -35.78
N ASP B 1 15.64 9.68 29.79
CA ASP B 1 15.69 10.78 28.80
C ASP B 1 14.47 11.66 29.07
N VAL B 2 14.57 12.94 28.71
CA VAL B 2 13.43 13.82 28.68
C VAL B 2 12.74 13.66 27.36
N LEU B 3 11.49 13.23 27.38
CA LEU B 3 10.72 12.94 26.19
C LEU B 3 9.88 14.17 25.95
N LEU B 4 9.92 14.63 24.71
CA LEU B 4 9.16 15.79 24.29
C LEU B 4 8.08 15.32 23.32
N THR B 5 6.82 15.55 23.67
CA THR B 5 5.69 15.12 22.84
C THR B 5 5.09 16.39 22.20
N GLN B 6 5.20 16.51 20.88
CA GLN B 6 4.87 17.73 20.22
C GLN B 6 3.60 17.53 19.46
N THR B 7 2.66 18.47 19.57
CA THR B 7 1.38 18.42 18.89
C THR B 7 1.01 19.83 18.37
N PRO B 8 0.24 19.90 17.28
CA PRO B 8 -0.17 18.74 16.45
C PRO B 8 0.94 18.32 15.50
N LEU B 9 0.75 17.24 14.81
CA LEU B 9 1.65 16.84 13.74
C LEU B 9 1.64 17.72 12.48
N SER B 10 0.43 18.12 12.02
CA SER B 10 0.20 19.01 10.89
C SER B 10 -0.65 20.15 11.35
N LEU B 11 -0.36 21.35 10.86
CA LEU B 11 -1.03 22.56 11.28
C LEU B 11 -1.34 23.41 10.00
N PRO B 12 -2.53 23.23 9.42
CA PRO B 12 -2.95 24.11 8.36
C PRO B 12 -3.42 25.46 8.93
N VAL B 13 -3.05 26.57 8.31
CA VAL B 13 -3.40 27.88 8.82
C VAL B 13 -3.46 28.89 7.65
N SER B 14 -4.39 29.82 7.71
CA SER B 14 -4.55 30.86 6.73
C SER B 14 -3.62 32.01 7.04
N LEU B 15 -3.33 32.79 5.98
CA LEU B 15 -2.48 33.99 6.11
C LEU B 15 -3.12 34.95 7.09
N GLY B 16 -2.30 35.54 7.96
CA GLY B 16 -2.80 36.47 9.00
C GLY B 16 -3.43 35.86 10.25
N GLU B 17 -3.64 34.55 10.29
CA GLU B 17 -4.15 33.91 11.50
C GLU B 17 -3.06 33.49 12.44
N GLN B 18 -3.47 32.99 13.60
CA GLN B 18 -2.54 32.57 14.60
C GLN B 18 -2.37 31.04 14.61
N ALA B 19 -1.14 30.58 14.77
CA ALA B 19 -0.83 29.18 14.91
C ALA B 19 -0.25 28.94 16.33
N SER B 20 -0.75 27.90 16.98
CA SER B 20 -0.22 27.45 18.25
C SER B 20 0.34 26.01 18.21
N ILE B 21 1.57 25.85 18.70
CA ILE B 21 2.27 24.58 18.69
C ILE B 21 2.70 24.25 20.14
N SER B 22 2.45 23.02 20.55
CA SER B 22 2.63 22.69 21.94
C SER B 22 3.62 21.52 22.09
N CYS B 23 4.36 21.59 23.18
CA CYS B 23 5.39 20.64 23.46
C CYS B 23 5.29 20.25 24.92
N ARG B 24 5.17 18.97 25.16
CA ARG B 24 4.90 18.50 26.51
C ARG B 24 6.05 17.64 26.96
N SER B 25 6.70 18.00 28.06
CA SER B 25 7.84 17.17 28.59
C SER B 25 7.42 16.07 29.57
N SER B 26 8.27 15.05 29.66
CA SER B 26 8.07 13.92 30.56
C SER B 26 8.44 14.24 31.96
N GLN B 27 9.01 15.43 32.20
CA GLN B 27 9.38 15.88 33.49
C GLN B 27 9.50 17.35 33.53
N SER B 28 9.40 17.93 34.72
CA SER B 28 9.94 19.26 34.87
C SER B 28 11.41 19.34 34.38
N ILE B 29 11.64 20.24 33.47
CA ILE B 29 12.94 20.69 33.21
C ILE B 29 13.07 21.93 34.08
N VAL B 30 14.07 21.98 34.91
CA VAL B 30 14.72 23.30 35.17
C VAL B 30 16.06 22.69 35.45
N HIS B 31 17.14 23.20 34.85
CA HIS B 31 18.47 22.69 35.25
C HIS B 31 18.84 23.26 36.65
N SER B 32 18.93 22.36 37.63
CA SER B 32 19.20 22.66 39.08
C SER B 32 18.02 23.56 39.60
N ILE B 33 18.36 24.82 39.95
CA ILE B 33 17.43 25.88 40.31
C ILE B 33 17.77 27.06 39.44
N GLY B 34 18.30 26.77 38.26
CA GLY B 34 18.79 27.75 37.28
C GLY B 34 17.84 27.90 36.11
N ASP B 35 18.38 27.93 34.88
CA ASP B 35 17.57 28.24 33.68
C ASP B 35 16.91 27.00 33.09
N THR B 36 15.88 27.20 32.28
CA THR B 36 15.21 26.15 31.54
C THR B 36 15.60 26.30 30.08
N TYR B 37 16.31 25.32 29.55
CA TYR B 37 16.90 25.47 28.24
C TYR B 37 16.00 24.85 27.17
N LEU B 38 14.86 25.49 26.93
CA LEU B 38 13.89 24.97 26.00
C LEU B 38 13.90 25.90 24.77
N GLU B 39 14.08 25.35 23.59
CA GLU B 39 14.35 26.07 22.37
C GLU B 39 13.38 25.63 21.30
N TRP B 40 13.14 26.53 20.37
CA TRP B 40 12.28 26.24 19.24
C TRP B 40 13.09 26.53 17.93
N TYR B 41 13.01 25.61 16.95
CA TYR B 41 13.70 25.69 15.71
C TYR B 41 12.69 25.59 14.62
N LEU B 42 12.93 26.27 13.50
CA LEU B 42 12.12 26.11 12.28
C LEU B 42 12.98 25.60 11.16
N GLN B 43 12.56 24.55 10.50
CA GLN B 43 13.18 24.20 9.22
C GLN B 43 12.28 24.48 8.02
N LYS B 44 12.72 25.43 7.15
CA LYS B 44 12.00 25.70 5.95
C LYS B 44 12.34 24.76 4.84
N PRO B 45 11.44 24.56 3.87
CA PRO B 45 11.75 23.56 2.84
C PRO B 45 13.09 23.76 2.18
N GLY B 46 13.91 22.73 2.10
CA GLY B 46 15.20 22.93 1.38
C GLY B 46 16.28 23.65 2.23
N GLN B 47 16.04 23.95 3.48
CA GLN B 47 17.05 24.67 4.29
C GLN B 47 17.41 23.86 5.53
N SER B 48 18.38 24.29 6.29
CA SER B 48 18.54 23.71 7.61
C SER B 48 17.72 24.42 8.69
N PRO B 49 17.52 23.76 9.80
CA PRO B 49 16.91 24.37 10.93
C PRO B 49 17.62 25.62 11.43
N LYS B 50 16.81 26.53 11.86
CA LYS B 50 17.22 27.80 12.41
C LYS B 50 16.53 28.07 13.72
N LEU B 51 17.24 28.76 14.61
CA LEU B 51 16.79 29.01 15.93
C LEU B 51 15.71 30.12 15.89
N LEU B 52 14.59 29.85 16.51
CA LEU B 52 13.56 30.91 16.80
C LEU B 52 13.60 31.48 18.21
N ILE B 53 13.59 30.58 19.22
CA ILE B 53 13.46 30.90 20.61
C ILE B 53 14.43 30.10 21.49
N TYR B 54 15.04 30.74 22.49
CA TYR B 54 15.85 30.04 23.41
C TYR B 54 15.40 30.40 24.86
N LYS B 55 15.82 29.60 25.82
CA LYS B 55 15.35 29.66 27.15
C LYS B 55 13.88 30.04 27.30
N VAL B 56 13.04 29.27 26.64
CA VAL B 56 11.63 29.24 26.78
C VAL B 56 10.98 30.36 26.05
N SER B 57 11.46 31.58 26.27
CA SER B 57 10.81 32.74 25.72
C SER B 57 11.67 33.83 25.13
N ASN B 58 12.99 33.67 25.04
CA ASN B 58 13.79 34.74 24.34
C ASN B 58 13.84 34.59 22.84
N ARG B 59 13.56 35.63 22.07
CA ARG B 59 13.68 35.61 20.58
C ARG B 59 15.15 35.67 20.16
N PHE B 60 15.58 34.78 19.28
CA PHE B 60 16.89 34.91 18.67
C PHE B 60 16.89 36.24 17.86
N SER B 61 18.07 36.88 17.75
CA SER B 61 18.24 38.09 16.94
C SER B 61 17.64 37.98 15.54
N GLY B 62 16.86 38.99 15.18
CA GLY B 62 16.15 39.00 13.93
C GLY B 62 14.90 38.15 13.79
N VAL B 63 14.47 37.46 14.84
CA VAL B 63 13.15 36.82 14.80
C VAL B 63 12.07 37.84 15.19
N PRO B 64 11.03 38.00 14.36
CA PRO B 64 10.06 39.04 14.70
C PRO B 64 9.16 38.68 15.86
N ASP B 65 8.65 39.71 16.50
CA ASP B 65 8.00 39.49 17.78
C ASP B 65 6.64 38.84 17.64
N ARG B 66 6.12 38.73 16.44
CA ARG B 66 4.99 37.84 16.28
C ARG B 66 5.29 36.32 16.59
N PHE B 67 6.56 35.94 16.75
CA PHE B 67 6.93 34.66 17.33
C PHE B 67 7.09 34.78 18.85
N SER B 68 6.39 33.94 19.60
CA SER B 68 6.28 34.08 21.09
C SER B 68 6.30 32.70 21.77
N GLY B 69 7.34 32.46 22.58
CA GLY B 69 7.48 31.27 23.36
C GLY B 69 7.05 31.48 24.82
N SER B 70 6.37 30.49 25.40
CA SER B 70 6.07 30.48 26.81
C SER B 70 6.01 29.05 27.34
N GLY B 71 5.77 28.94 28.63
CA GLY B 71 5.30 27.73 29.15
C GLY B 71 5.71 27.51 30.55
N SER B 72 5.02 26.58 31.17
CA SER B 72 5.48 26.11 32.47
C SER B 72 4.91 24.74 32.88
N GLY B 73 5.79 24.14 33.69
CA GLY B 73 5.67 22.83 34.24
C GLY B 73 6.18 21.94 33.15
N THR B 74 5.26 21.19 32.59
CA THR B 74 5.63 20.37 31.51
C THR B 74 5.12 20.81 30.16
N ASP B 75 4.45 21.96 30.09
CA ASP B 75 3.86 22.42 28.86
C ASP B 75 4.49 23.68 28.34
N PHE B 76 4.97 23.62 27.11
CA PHE B 76 5.59 24.71 26.40
C PHE B 76 4.85 24.96 25.11
N THR B 77 4.72 26.24 24.75
CA THR B 77 3.99 26.67 23.57
C THR B 77 4.80 27.67 22.72
N LEU B 78 4.75 27.45 21.44
CA LEU B 78 5.15 28.46 20.48
C LEU B 78 3.89 29.01 19.76
N LYS B 79 3.69 30.30 19.87
CA LYS B 79 2.61 30.99 19.20
C LYS B 79 3.21 31.87 18.11
N ILE B 80 2.63 31.70 16.93
CA ILE B 80 2.94 32.51 15.73
C ILE B 80 1.73 33.37 15.42
N SER B 81 1.80 34.66 15.75
CA SER B 81 0.67 35.54 15.56
C SER B 81 0.12 35.95 14.25
N ARG B 82 0.90 36.18 13.21
CA ARG B 82 0.15 36.64 12.00
C ARG B 82 0.89 36.05 10.89
N VAL B 83 0.52 34.82 10.66
CA VAL B 83 1.26 33.93 9.81
C VAL B 83 1.38 34.47 8.39
N GLU B 84 2.62 34.49 7.91
CA GLU B 84 2.97 34.76 6.53
C GLU B 84 3.36 33.45 5.87
N ALA B 85 3.40 33.49 4.53
CA ALA B 85 3.71 32.37 3.69
C ALA B 85 5.08 31.82 4.00
N GLU B 86 6.01 32.69 4.40
CA GLU B 86 7.39 32.26 4.64
C GLU B 86 7.57 31.50 5.98
N ASP B 87 6.56 31.47 6.85
CA ASP B 87 6.62 30.76 8.08
C ASP B 87 6.41 29.24 7.91
N LEU B 88 6.08 28.78 6.71
CA LEU B 88 5.84 27.38 6.51
C LEU B 88 7.09 26.54 6.74
N GLY B 89 6.88 25.28 7.12
CA GLY B 89 7.97 24.37 7.27
C GLY B 89 7.75 23.53 8.46
N ILE B 90 8.82 22.91 8.95
CA ILE B 90 8.68 22.01 10.17
C ILE B 90 9.29 22.67 11.45
N TYR B 91 8.47 22.81 12.48
CA TYR B 91 8.85 23.39 13.72
C TYR B 91 9.24 22.26 14.68
N TYR B 92 10.32 22.45 15.40
CA TYR B 92 10.72 21.50 16.43
C TYR B 92 10.93 22.23 17.79
N CYS B 93 10.50 21.60 18.89
CA CYS B 93 11.00 22.00 20.17
C CYS B 93 12.24 21.17 20.54
N PHE B 94 12.99 21.68 21.50
CA PHE B 94 14.27 21.08 21.91
C PHE B 94 14.56 21.41 23.37
N GLN B 95 15.03 20.40 24.14
CA GLN B 95 15.55 20.67 25.47
C GLN B 95 17.05 20.38 25.60
N GLY B 96 17.76 21.33 26.22
CA GLY B 96 19.17 21.21 26.49
C GLY B 96 19.47 21.32 27.95
N SER B 97 18.50 21.10 28.84
CA SER B 97 18.71 21.10 30.23
C SER B 97 19.31 19.80 30.76
N HIS B 98 19.14 18.71 30.05
CA HIS B 98 19.65 17.43 30.54
C HIS B 98 20.14 16.59 29.35
N PHE B 99 21.19 15.81 29.60
CA PHE B 99 21.75 14.93 28.63
C PHE B 99 21.01 13.59 28.78
N PRO B 100 20.64 12.95 27.68
CA PRO B 100 20.93 13.42 26.32
C PRO B 100 19.97 14.53 25.88
N TYR B 101 20.45 15.46 25.04
CA TYR B 101 19.61 16.52 24.51
C TYR B 101 18.55 15.84 23.66
N THR B 102 17.30 16.35 23.66
CA THR B 102 16.26 15.75 22.83
C THR B 102 15.34 16.80 22.13
N PHE B 103 14.72 16.37 21.01
CA PHE B 103 13.84 17.14 20.23
C PHE B 103 12.47 16.53 20.28
N GLY B 104 11.48 17.43 20.14
CA GLY B 104 10.16 16.97 19.76
C GLY B 104 10.16 16.44 18.38
N GLY B 105 9.12 15.69 18.06
CA GLY B 105 8.99 15.02 16.78
C GLY B 105 8.64 15.99 15.60
N GLY B 106 8.27 17.23 15.85
CA GLY B 106 7.99 18.13 14.76
C GLY B 106 6.50 18.36 14.47
N THR B 107 6.23 19.53 13.90
CA THR B 107 4.96 19.97 13.52
C THR B 107 5.15 20.66 12.16
N LYS B 108 4.43 20.19 11.14
CA LYS B 108 4.48 20.77 9.81
C LYS B 108 3.43 21.84 9.66
N LEU B 109 3.85 23.09 9.50
CA LEU B 109 2.97 24.16 9.31
C LEU B 109 2.65 24.29 7.81
N GLU B 110 1.37 24.31 7.43
CA GLU B 110 0.92 24.35 6.03
C GLU B 110 0.07 25.66 5.88
N ILE B 111 0.20 26.36 4.77
CA ILE B 111 -0.54 27.59 4.52
C ILE B 111 -1.73 27.29 3.66
N LYS B 112 -2.89 27.73 4.12
CA LYS B 112 -4.13 27.64 3.35
C LYS B 112 -4.20 28.87 2.51
N ARG B 113 -4.68 28.75 1.29
CA ARG B 113 -4.81 29.92 0.37
C ARG B 113 -5.89 29.51 -0.58
N ALA B 114 -6.10 30.34 -1.62
CA ALA B 114 -7.20 30.11 -2.56
C ALA B 114 -6.89 28.95 -3.44
N ASP B 115 -7.90 28.24 -3.87
CA ASP B 115 -7.72 27.17 -4.81
C ASP B 115 -7.10 27.65 -6.15
N ALA B 116 -6.18 26.88 -6.71
CA ALA B 116 -5.61 27.17 -8.04
C ALA B 116 -5.34 25.90 -8.82
N ALA B 117 -5.69 25.98 -10.08
CA ALA B 117 -5.67 24.90 -11.02
C ALA B 117 -4.20 24.64 -11.47
N PRO B 118 -3.83 23.41 -11.71
CA PRO B 118 -2.47 23.20 -12.19
C PRO B 118 -2.20 23.60 -13.65
N THR B 119 -0.96 23.88 -14.00
CA THR B 119 -0.59 24.09 -15.40
C THR B 119 0.01 22.81 -15.78
N VAL B 120 -0.49 22.16 -16.80
CA VAL B 120 -0.07 20.79 -17.14
C VAL B 120 0.73 20.73 -18.49
N SER B 121 1.84 20.00 -18.50
CA SER B 121 2.60 19.69 -19.69
C SER B 121 2.96 18.22 -19.74
N ILE B 122 3.03 17.71 -20.98
CA ILE B 122 3.47 16.36 -21.32
C ILE B 122 4.72 16.33 -22.18
N PHE B 123 5.53 15.31 -21.97
CA PHE B 123 6.84 15.13 -22.59
C PHE B 123 7.04 13.70 -22.98
N PRO B 124 7.30 13.45 -24.25
CA PRO B 124 7.56 12.10 -24.71
C PRO B 124 8.95 11.61 -24.28
N PRO B 125 9.19 10.31 -24.34
CA PRO B 125 10.52 9.78 -24.03
C PRO B 125 11.57 10.39 -24.93
N SER B 126 12.76 10.62 -24.39
CA SER B 126 13.86 11.13 -25.19
C SER B 126 14.45 10.02 -25.99
N SER B 127 14.99 10.38 -27.13
CA SER B 127 15.63 9.42 -28.00
C SER B 127 16.79 8.73 -27.29
N GLU B 128 17.46 9.41 -26.38
CA GLU B 128 18.52 8.70 -25.66
C GLU B 128 18.00 7.67 -24.62
N GLN B 129 16.84 7.87 -24.00
CA GLN B 129 16.30 6.81 -23.18
C GLN B 129 15.83 5.57 -24.00
N LEU B 130 15.23 5.83 -25.18
CA LEU B 130 14.77 4.78 -26.06
C LEU B 130 15.90 3.83 -26.42
N THR B 131 17.07 4.41 -26.71
CA THR B 131 18.32 3.67 -26.99
C THR B 131 18.70 2.67 -25.97
N SER B 132 18.45 2.96 -24.71
CA SER B 132 18.83 2.05 -23.67
C SER B 132 17.68 1.08 -23.30
N GLY B 133 16.54 1.12 -24.01
CA GLY B 133 15.45 0.10 -23.86
C GLY B 133 14.27 0.40 -22.96
N GLY B 134 14.28 1.57 -22.32
CA GLY B 134 13.17 2.06 -21.46
C GLY B 134 12.49 3.23 -22.15
N ALA B 135 11.29 3.59 -21.68
CA ALA B 135 10.52 4.68 -22.24
C ALA B 135 9.69 5.34 -21.14
N SER B 136 10.07 6.53 -20.74
CA SER B 136 9.31 7.30 -19.68
C SER B 136 8.58 8.47 -20.31
N VAL B 137 7.29 8.56 -20.06
CA VAL B 137 6.51 9.73 -20.43
C VAL B 137 6.26 10.53 -19.15
N VAL B 138 6.45 11.86 -19.21
CA VAL B 138 6.35 12.72 -18.02
C VAL B 138 5.22 13.75 -18.15
N CYS B 139 4.40 13.94 -17.08
CA CYS B 139 3.55 15.13 -16.91
C CYS B 139 4.01 15.92 -15.76
N PHE B 140 4.23 17.20 -15.97
CA PHE B 140 4.32 18.15 -14.93
C PHE B 140 2.98 18.81 -14.71
N LEU B 141 2.63 18.92 -13.44
CA LEU B 141 1.45 19.60 -13.00
C LEU B 141 1.93 20.68 -12.03
N ASN B 142 2.02 21.90 -12.53
CA ASN B 142 2.62 23.01 -11.84
C ASN B 142 1.74 24.04 -11.20
N ASN B 143 2.17 24.45 -10.02
CA ASN B 143 1.60 25.54 -9.24
C ASN B 143 0.11 25.44 -8.92
N PHE B 144 -0.31 24.50 -8.11
CA PHE B 144 -1.70 24.35 -7.83
C PHE B 144 -1.92 24.30 -6.35
N TYR B 145 -3.20 24.36 -5.96
CA TYR B 145 -3.59 24.26 -4.59
C TYR B 145 -5.05 23.83 -4.57
N PRO B 146 -5.48 22.94 -3.73
CA PRO B 146 -4.69 22.29 -2.71
C PRO B 146 -3.86 21.17 -3.22
N LYS B 147 -3.11 20.56 -2.28
CA LYS B 147 -2.11 19.58 -2.60
C LYS B 147 -2.68 18.31 -3.27
N ASP B 148 -3.84 17.88 -2.82
CA ASP B 148 -4.44 16.72 -3.31
C ASP B 148 -4.81 16.85 -4.83
N ILE B 149 -4.44 15.88 -5.62
CA ILE B 149 -4.71 15.86 -7.03
C ILE B 149 -4.53 14.45 -7.58
N ASN B 150 -5.28 14.09 -8.60
CA ASN B 150 -5.17 12.81 -9.23
C ASN B 150 -4.75 12.92 -10.69
N VAL B 151 -3.83 12.04 -11.07
CA VAL B 151 -3.39 11.84 -12.41
C VAL B 151 -3.76 10.46 -12.91
N LYS B 152 -4.42 10.40 -14.06
CA LYS B 152 -4.80 9.14 -14.68
C LYS B 152 -4.02 9.10 -16.00
N TRP B 153 -3.29 8.02 -16.23
CA TRP B 153 -2.62 7.82 -17.50
C TRP B 153 -3.43 6.93 -18.42
N LYS B 154 -3.59 7.34 -19.67
CA LYS B 154 -4.21 6.51 -20.70
C LYS B 154 -3.23 6.21 -21.88
N ILE B 155 -3.20 4.94 -22.32
CA ILE B 155 -2.50 4.49 -23.54
C ILE B 155 -3.55 4.03 -24.50
N ASP B 156 -3.59 4.63 -25.67
CA ASP B 156 -4.68 4.47 -26.62
C ASP B 156 -6.09 4.48 -26.00
N GLY B 157 -6.37 5.41 -25.09
CA GLY B 157 -7.66 5.57 -24.53
C GLY B 157 -8.00 4.63 -23.40
N SER B 158 -7.09 3.74 -23.00
CA SER B 158 -7.34 2.93 -21.82
C SER B 158 -6.30 3.07 -20.68
N GLU B 159 -6.82 3.00 -19.46
CA GLU B 159 -6.07 3.37 -18.28
C GLU B 159 -4.86 2.48 -18.09
N ARG B 160 -3.77 3.06 -17.64
CA ARG B 160 -2.63 2.30 -17.23
C ARG B 160 -2.19 2.65 -15.80
N GLN B 161 -2.00 1.65 -14.93
CA GLN B 161 -1.60 1.84 -13.51
C GLN B 161 -0.23 1.41 -13.08
N ASN B 162 0.17 0.24 -13.52
CA ASN B 162 1.51 -0.22 -13.36
C ASN B 162 2.56 0.73 -14.05
N GLY B 163 3.66 1.00 -13.37
CA GLY B 163 4.68 1.86 -13.88
C GLY B 163 4.53 3.41 -13.69
N VAL B 164 3.58 3.85 -12.86
CA VAL B 164 3.42 5.25 -12.56
C VAL B 164 4.13 5.66 -11.25
N LEU B 165 4.90 6.70 -11.33
CA LEU B 165 5.60 7.27 -10.23
C LEU B 165 5.32 8.77 -10.16
N ASN B 166 4.81 9.21 -9.00
CA ASN B 166 4.38 10.54 -8.76
C ASN B 166 5.17 11.15 -7.59
N SER B 167 5.54 12.43 -7.68
CA SER B 167 6.37 13.11 -6.65
C SER B 167 5.89 14.57 -6.58
N TRP B 168 5.54 15.03 -5.39
CA TRP B 168 5.14 16.34 -5.13
C TRP B 168 6.31 17.16 -4.58
N THR B 169 6.36 18.44 -4.93
CA THR B 169 7.29 19.35 -4.24
C THR B 169 6.75 19.68 -2.82
N ASP B 170 7.59 20.15 -1.91
CA ASP B 170 7.07 20.87 -0.75
C ASP B 170 6.23 22.11 -1.19
N GLN B 171 5.57 22.71 -0.24
CA GLN B 171 4.81 23.90 -0.46
C GLN B 171 5.78 25.09 -0.74
N ASP B 172 5.47 25.88 -1.73
CA ASP B 172 6.26 27.01 -2.14
C ASP B 172 6.07 28.12 -1.12
N SER B 173 7.17 28.58 -0.55
CA SER B 173 7.11 29.63 0.40
C SER B 173 6.73 30.99 -0.10
N LYS B 174 6.61 31.20 -1.44
CA LYS B 174 6.10 32.46 -2.00
C LYS B 174 4.62 32.46 -2.23
N ASP B 175 4.19 31.61 -3.15
CA ASP B 175 2.81 31.66 -3.59
C ASP B 175 1.97 30.58 -2.90
N SER B 176 2.60 29.80 -2.00
CA SER B 176 1.90 28.81 -1.19
C SER B 176 1.33 27.64 -1.98
N THR B 177 1.80 27.41 -3.21
CA THR B 177 1.36 26.34 -4.07
C THR B 177 2.23 25.09 -3.97
N TYR B 178 1.73 24.05 -4.59
CA TYR B 178 2.42 22.82 -4.84
C TYR B 178 2.56 22.60 -6.32
N SER B 179 3.57 21.81 -6.70
CA SER B 179 3.67 21.16 -8.02
C SER B 179 3.92 19.67 -7.86
N MET B 180 3.61 18.92 -8.92
CA MET B 180 3.86 17.50 -8.91
C MET B 180 4.28 16.98 -10.28
N SER B 181 5.11 15.95 -10.26
CA SER B 181 5.63 15.38 -11.47
C SER B 181 5.15 13.93 -11.53
N SER B 182 4.55 13.52 -12.64
CA SER B 182 4.03 12.14 -12.81
C SER B 182 4.77 11.50 -14.01
N THR B 183 5.38 10.37 -13.75
CA THR B 183 6.17 9.60 -14.73
C THR B 183 5.61 8.19 -14.92
N LEU B 184 5.16 7.89 -16.16
CA LEU B 184 4.80 6.58 -16.59
C LEU B 184 5.98 5.92 -17.32
N THR B 185 6.50 4.85 -16.75
CA THR B 185 7.60 4.13 -17.34
C THR B 185 7.19 2.75 -17.91
N LEU B 186 7.61 2.45 -19.14
CA LEU B 186 7.33 1.17 -19.89
C LEU B 186 8.61 0.76 -20.58
N THR B 187 8.62 -0.39 -21.22
CA THR B 187 9.77 -0.76 -22.07
C THR B 187 9.69 -0.02 -23.40
N LYS B 188 10.81 0.15 -24.07
CA LYS B 188 10.78 0.65 -25.47
C LYS B 188 9.86 -0.20 -26.29
N ASP B 189 9.99 -1.52 -26.15
CA ASP B 189 9.16 -2.41 -26.96
C ASP B 189 7.67 -2.20 -26.78
N GLU B 190 7.21 -1.95 -25.56
CA GLU B 190 5.78 -1.73 -25.39
C GLU B 190 5.37 -0.31 -25.86
N TYR B 191 6.20 0.70 -25.53
CA TYR B 191 6.00 2.05 -26.01
C TYR B 191 5.81 2.07 -27.54
N GLU B 192 6.65 1.38 -28.28
CA GLU B 192 6.55 1.38 -29.74
C GLU B 192 5.27 0.68 -30.29
N ARG B 193 4.47 0.01 -29.47
CA ARG B 193 3.26 -0.60 -29.94
C ARG B 193 1.97 0.22 -29.76
N HIS B 194 2.05 1.45 -29.25
CA HIS B 194 0.84 2.20 -28.98
C HIS B 194 1.07 3.59 -29.51
N ASN B 195 0.02 4.29 -29.86
CA ASN B 195 0.16 5.64 -30.43
C ASN B 195 -0.06 6.81 -29.45
N SER B 196 -1.22 6.84 -28.84
CA SER B 196 -1.61 8.04 -28.08
C SER B 196 -1.41 7.79 -26.56
N TYR B 197 -0.71 8.75 -25.94
CA TYR B 197 -0.39 8.71 -24.54
C TYR B 197 -0.98 9.98 -23.92
N THR B 198 -1.75 9.83 -22.84
CA THR B 198 -2.51 10.95 -22.23
C THR B 198 -2.34 10.95 -20.71
N CYS B 199 -2.04 12.09 -20.12
CA CYS B 199 -2.24 12.24 -18.69
C CYS B 199 -3.46 13.15 -18.44
N GLU B 200 -4.28 12.76 -17.46
CA GLU B 200 -5.45 13.54 -17.13
C GLU B 200 -5.43 13.94 -15.69
N ALA B 201 -5.42 15.23 -15.42
CA ALA B 201 -5.31 15.80 -14.07
C ALA B 201 -6.71 16.22 -13.56
N THR B 202 -7.15 15.58 -12.47
CA THR B 202 -8.39 15.88 -11.80
C THR B 202 -8.11 16.48 -10.43
N HIS B 203 -8.86 17.52 -10.13
CA HIS B 203 -8.49 18.49 -9.10
C HIS B 203 -9.74 19.29 -8.76
N LYS B 204 -9.89 19.58 -7.46
CA LYS B 204 -10.99 20.37 -6.84
C LYS B 204 -11.52 21.58 -7.69
N THR B 205 -10.61 22.26 -8.37
CA THR B 205 -10.89 23.44 -9.21
C THR B 205 -11.76 23.23 -10.46
N SER B 206 -11.89 22.00 -10.94
CA SER B 206 -12.82 21.73 -12.02
C SER B 206 -13.44 20.37 -11.87
N THR B 207 -14.69 20.28 -12.27
CA THR B 207 -15.28 18.96 -12.47
C THR B 207 -14.70 18.30 -13.75
N SER B 208 -14.13 19.01 -14.73
CA SER B 208 -13.48 18.27 -15.80
C SER B 208 -11.98 18.25 -15.66
N PRO B 209 -11.42 17.10 -16.00
CA PRO B 209 -10.00 16.94 -15.99
C PRO B 209 -9.29 17.76 -17.07
N ILE B 210 -8.07 18.12 -16.75
CA ILE B 210 -7.15 18.71 -17.71
C ILE B 210 -6.34 17.58 -18.39
N VAL B 211 -6.43 17.56 -19.70
CA VAL B 211 -6.00 16.42 -20.49
C VAL B 211 -4.90 16.91 -21.35
N LYS B 212 -3.75 16.26 -21.30
CA LYS B 212 -2.61 16.58 -22.19
C LYS B 212 -2.20 15.28 -22.81
N SER B 213 -1.84 15.36 -24.06
CA SER B 213 -1.55 14.15 -24.77
C SER B 213 -0.56 14.31 -25.95
N PHE B 214 0.05 13.25 -26.40
CA PHE B 214 0.75 13.36 -27.70
C PHE B 214 0.64 12.05 -28.42
N ASN B 215 0.89 12.11 -29.73
CA ASN B 215 0.92 10.94 -30.53
C ASN B 215 2.33 10.52 -30.92
N ARG B 216 2.63 9.26 -30.70
CA ARG B 216 3.96 8.77 -30.95
C ARG B 216 4.42 8.94 -32.42
N ASN B 217 3.59 9.06 -33.42
CA ASN B 217 4.25 9.25 -34.77
C ASN B 217 5.16 10.51 -34.90
N VAL C 2 -15.82 -11.45 20.85
CA VAL C 2 -15.57 -10.42 19.75
C VAL C 2 -16.12 -10.84 18.36
N GLN C 3 -17.35 -10.46 18.02
CA GLN C 3 -18.04 -10.99 16.84
C GLN C 3 -18.54 -9.89 16.02
N LEU C 4 -18.54 -10.12 14.72
CA LEU C 4 -19.22 -9.25 13.78
C LEU C 4 -19.97 -10.09 12.77
N GLN C 5 -21.29 -9.90 12.65
CA GLN C 5 -22.12 -10.68 11.77
C GLN C 5 -22.85 -9.77 10.88
N GLN C 6 -22.54 -9.81 9.59
CA GLN C 6 -23.20 -8.96 8.56
C GLN C 6 -24.44 -9.65 8.02
N SER C 7 -25.45 -8.91 7.68
CA SER C 7 -26.64 -9.50 7.09
C SER C 7 -27.24 -8.48 6.15
N GLY C 8 -28.23 -8.90 5.37
CA GLY C 8 -29.00 -8.03 4.49
C GLY C 8 -28.60 -8.18 3.04
N GLY C 9 -27.63 -9.03 2.77
CA GLY C 9 -27.26 -9.28 1.37
C GLY C 9 -28.32 -10.13 0.68
N GLY C 10 -28.14 -10.27 -0.63
CA GLY C 10 -28.98 -11.00 -1.52
C GLY C 10 -28.98 -10.27 -2.88
N SER C 11 -30.05 -10.46 -3.61
CA SER C 11 -30.19 -10.02 -4.95
C SER C 11 -30.86 -8.63 -4.93
N VAL C 12 -30.49 -7.72 -5.83
CA VAL C 12 -31.17 -6.41 -6.01
C VAL C 12 -31.04 -6.00 -7.44
N LYS C 13 -32.07 -5.32 -7.94
CA LYS C 13 -32.11 -4.90 -9.35
C LYS C 13 -31.11 -3.75 -9.59
N PRO C 14 -30.45 -3.72 -10.75
CA PRO C 14 -29.72 -2.45 -11.03
C PRO C 14 -30.61 -1.19 -10.80
N GLY C 15 -30.09 -0.18 -10.11
CA GLY C 15 -30.86 1.01 -9.80
C GLY C 15 -31.50 0.94 -8.43
N GLY C 16 -31.59 -0.27 -7.88
CA GLY C 16 -32.31 -0.43 -6.64
C GLY C 16 -31.42 -0.05 -5.46
N SER C 17 -31.96 -0.23 -4.28
CA SER C 17 -31.22 0.08 -3.08
C SER C 17 -31.24 -1.09 -2.07
N LEU C 18 -30.27 -1.12 -1.14
CA LEU C 18 -30.20 -2.22 -0.16
C LEU C 18 -29.55 -1.75 1.10
N LYS C 19 -30.01 -2.22 2.25
CA LYS C 19 -29.43 -1.84 3.53
C LYS C 19 -28.77 -3.04 4.22
N LEU C 20 -27.47 -2.92 4.46
CA LEU C 20 -26.71 -3.92 5.11
C LEU C 20 -26.55 -3.64 6.59
N SER C 21 -26.57 -4.67 7.43
CA SER C 21 -26.31 -4.49 8.87
C SER C 21 -25.09 -5.29 9.34
N CYS C 22 -24.44 -4.80 10.38
CA CYS C 22 -23.34 -5.52 10.98
C CYS C 22 -23.54 -5.47 12.48
N SER C 23 -23.78 -6.60 13.03
CA SER C 23 -24.22 -6.70 14.37
C SER C 23 -22.98 -7.13 15.22
N ALA C 24 -22.63 -6.30 16.18
CA ALA C 24 -21.37 -6.44 16.88
C ALA C 24 -21.54 -6.94 18.25
N SER C 25 -20.64 -7.75 18.74
CA SER C 25 -20.67 -8.15 20.17
C SER C 25 -19.28 -8.39 20.79
N GLY C 26 -19.26 -8.41 22.11
CA GLY C 26 -17.99 -8.43 22.88
C GLY C 26 -17.17 -7.14 22.89
N PHE C 27 -17.74 -6.04 22.42
CA PHE C 27 -17.03 -4.76 22.49
C PHE C 27 -17.99 -3.63 22.24
N SER C 28 -17.56 -2.43 22.61
CA SER C 28 -18.36 -1.23 22.48
C SER C 28 -18.05 -0.53 21.17
N LEU C 29 -19.02 -0.51 20.27
CA LEU C 29 -18.85 0.05 18.90
C LEU C 29 -18.15 1.41 18.77
N SER C 30 -18.61 2.24 19.67
CA SER C 30 -18.24 3.61 19.88
C SER C 30 -16.75 3.80 20.20
N THR C 31 -16.11 2.84 20.85
CA THR C 31 -14.66 2.97 21.14
C THR C 31 -13.77 2.59 19.87
N TYR C 32 -14.35 2.02 18.81
CA TYR C 32 -13.66 1.68 17.55
C TYR C 32 -14.15 2.40 16.28
N ALA C 33 -13.28 2.39 15.30
CA ALA C 33 -13.63 2.75 13.92
C ALA C 33 -14.26 1.52 13.27
N MET C 34 -15.29 1.73 12.47
CA MET C 34 -16.01 0.68 11.77
C MET C 34 -16.10 1.04 10.30
N SER C 35 -15.82 0.05 9.44
CA SER C 35 -15.69 0.29 7.99
C SER C 35 -16.39 -0.87 7.23
N TRP C 36 -16.55 -0.64 5.93
CA TRP C 36 -16.99 -1.60 5.00
C TRP C 36 -15.98 -1.67 3.92
N VAL C 37 -15.58 -2.90 3.63
CA VAL C 37 -14.72 -3.24 2.49
C VAL C 37 -15.41 -4.39 1.77
N ARG C 38 -15.32 -4.36 0.47
CA ARG C 38 -15.92 -5.38 -0.40
C ARG C 38 -14.88 -6.07 -1.24
N GLN C 39 -15.20 -7.34 -1.61
CA GLN C 39 -14.36 -8.15 -2.44
C GLN C 39 -15.19 -8.49 -3.66
N THR C 40 -14.72 -8.08 -4.83
CA THR C 40 -15.43 -8.25 -6.04
C THR C 40 -15.31 -9.69 -6.49
N PRO C 41 -16.07 -10.04 -7.50
CA PRO C 41 -15.96 -11.39 -8.11
C PRO C 41 -14.59 -11.70 -8.69
N GLU C 42 -13.86 -10.67 -9.13
CA GLU C 42 -12.51 -10.84 -9.60
C GLU C 42 -11.45 -10.86 -8.39
N LYS C 43 -11.91 -10.76 -7.13
CA LYS C 43 -11.08 -10.78 -5.94
C LYS C 43 -10.21 -9.56 -5.70
N ARG C 44 -10.70 -8.41 -6.12
CA ARG C 44 -10.14 -7.15 -5.75
C ARG C 44 -10.82 -6.86 -4.43
N LEU C 45 -10.07 -6.32 -3.49
CA LEU C 45 -10.61 -5.63 -2.35
C LEU C 45 -10.70 -4.11 -2.60
N GLU C 46 -11.83 -3.50 -2.19
CA GLU C 46 -12.12 -2.11 -2.37
C GLU C 46 -12.72 -1.57 -1.07
N TRP C 47 -12.10 -0.53 -0.55
CA TRP C 47 -12.61 0.20 0.59
C TRP C 47 -13.82 1.02 0.11
N VAL C 48 -14.90 0.95 0.86
CA VAL C 48 -16.19 1.52 0.50
C VAL C 48 -16.64 2.63 1.50
N ALA C 49 -16.27 2.53 2.78
CA ALA C 49 -16.70 3.51 3.78
C ALA C 49 -16.09 3.30 5.14
N SER C 50 -15.83 4.38 5.86
CA SER C 50 -15.39 4.34 7.27
C SER C 50 -16.11 5.32 8.13
N MET C 51 -16.30 4.95 9.40
CA MET C 51 -16.77 5.84 10.43
C MET C 51 -15.78 5.76 11.59
N SER C 52 -15.13 6.85 11.93
CA SER C 52 -14.21 6.82 13.06
C SER C 52 -14.97 6.70 14.40
N SER C 53 -14.26 6.33 15.44
CA SER C 53 -14.79 6.26 16.76
C SER C 53 -15.55 7.52 17.13
N GLY C 54 -14.92 8.65 16.81
CA GLY C 54 -15.54 9.95 16.96
C GLY C 54 -16.71 10.25 16.03
N GLY C 55 -16.99 9.43 15.01
CA GLY C 55 -18.16 9.67 14.16
C GLY C 55 -17.90 10.33 12.78
N SER C 56 -16.66 10.68 12.45
CA SER C 56 -16.38 11.22 11.11
C SER C 56 -16.62 10.13 10.05
N LEU C 57 -17.21 10.57 8.94
CA LEU C 57 -17.62 9.69 7.85
C LEU C 57 -16.67 9.91 6.69
N TYR C 58 -16.29 8.85 6.00
CA TYR C 58 -15.31 8.88 4.88
C TYR C 58 -15.70 7.86 3.80
N TYR C 59 -15.61 8.27 2.53
CA TYR C 59 -16.03 7.47 1.38
C TYR C 59 -15.10 7.68 0.25
N PRO C 60 -14.86 6.66 -0.59
CA PRO C 60 -14.30 6.97 -1.88
C PRO C 60 -15.30 7.57 -2.85
N ASP C 61 -14.76 8.27 -3.83
CA ASP C 61 -15.58 8.86 -4.91
C ASP C 61 -16.40 7.90 -5.75
N THR C 62 -15.98 6.67 -5.90
CA THR C 62 -16.80 5.69 -6.67
C THR C 62 -18.24 5.45 -6.06
N VAL C 63 -18.41 5.71 -4.76
CA VAL C 63 -19.69 5.49 -4.07
C VAL C 63 -20.24 6.74 -3.42
N LYS C 64 -19.53 7.85 -3.53
CA LYS C 64 -19.92 9.04 -2.79
C LYS C 64 -21.29 9.49 -3.27
N GLY C 65 -22.13 9.87 -2.32
CA GLY C 65 -23.49 10.25 -2.59
C GLY C 65 -24.41 9.05 -2.82
N ARG C 66 -23.92 7.83 -2.91
CA ARG C 66 -24.77 6.65 -3.06
C ARG C 66 -24.80 5.77 -1.80
N PHE C 67 -23.71 5.73 -1.05
CA PHE C 67 -23.57 4.86 0.12
C PHE C 67 -23.48 5.70 1.39
N THR C 68 -24.15 5.27 2.45
CA THR C 68 -24.11 5.96 3.74
C THR C 68 -23.77 4.99 4.82
N ILE C 69 -22.69 5.23 5.53
CA ILE C 69 -22.40 4.44 6.74
C ILE C 69 -23.00 5.16 7.99
N SER C 70 -23.52 4.37 8.92
CA SER C 70 -24.04 4.91 10.18
C SER C 70 -24.00 3.82 11.26
N ARG C 71 -24.19 4.18 12.53
CA ARG C 71 -24.25 3.18 13.60
C ARG C 71 -25.34 3.43 14.57
N ASP C 72 -25.68 2.43 15.37
CA ASP C 72 -26.58 2.56 16.52
C ASP C 72 -25.85 1.95 17.73
N THR C 73 -25.44 2.80 18.68
CA THR C 73 -24.60 2.33 19.76
C THR C 73 -25.43 1.75 20.88
N VAL C 74 -26.76 1.82 20.84
CA VAL C 74 -27.54 1.08 21.85
C VAL C 74 -27.75 -0.40 21.39
N LYS C 75 -28.09 -0.61 20.13
CA LYS C 75 -28.21 -2.00 19.61
C LYS C 75 -26.84 -2.56 19.26
N ASN C 76 -25.85 -1.69 19.15
CA ASN C 76 -24.50 -2.10 18.81
C ASN C 76 -24.45 -2.68 17.34
N ILE C 77 -25.04 -1.95 16.41
CA ILE C 77 -25.11 -2.32 15.05
C ILE C 77 -24.55 -1.18 14.16
N VAL C 78 -23.83 -1.56 13.09
CA VAL C 78 -23.32 -0.65 12.06
C VAL C 78 -24.01 -0.98 10.80
N TYR C 79 -24.35 0.04 10.02
CA TYR C 79 -25.14 -0.12 8.80
C TYR C 79 -24.42 0.46 7.56
N LEU C 80 -24.77 -0.06 6.38
CA LEU C 80 -24.42 0.54 5.15
C LEU C 80 -25.65 0.55 4.30
N GLN C 81 -26.06 1.74 3.94
CA GLN C 81 -27.23 1.94 3.13
C GLN C 81 -26.69 2.20 1.77
N MET C 82 -27.14 1.44 0.77
CA MET C 82 -26.64 1.59 -0.60
C MET C 82 -27.80 1.99 -1.49
N SER C 83 -27.58 2.82 -2.50
CA SER C 83 -28.65 3.08 -3.51
C SER C 83 -28.04 3.26 -4.88
N SER C 84 -28.91 3.41 -5.87
CA SER C 84 -28.52 3.43 -7.30
C SER C 84 -27.48 2.39 -7.56
N LEU C 85 -27.80 1.18 -7.13
CA LEU C 85 -26.89 0.08 -7.30
C LEU C 85 -26.58 -0.27 -8.77
N ARG C 86 -25.30 -0.53 -9.04
CA ARG C 86 -24.81 -0.93 -10.36
C ARG C 86 -24.18 -2.28 -10.30
N SER C 87 -23.96 -2.85 -11.47
CA SER C 87 -23.37 -4.21 -11.63
C SER C 87 -22.00 -4.33 -10.96
N GLU C 88 -21.17 -3.32 -11.09
CA GLU C 88 -19.90 -3.28 -10.41
C GLU C 88 -19.96 -3.16 -8.88
N ASP C 89 -21.14 -2.99 -8.31
CA ASP C 89 -21.28 -3.08 -6.83
C ASP C 89 -21.42 -4.50 -6.30
N THR C 90 -21.57 -5.43 -7.21
CA THR C 90 -21.67 -6.86 -6.89
C THR C 90 -20.42 -7.32 -6.18
N ALA C 91 -20.58 -7.83 -4.98
CA ALA C 91 -19.41 -8.17 -4.18
C ALA C 91 -19.81 -8.74 -2.85
N MET C 92 -18.82 -9.33 -2.17
CA MET C 92 -19.00 -9.70 -0.77
C MET C 92 -18.70 -8.44 0.08
N TYR C 93 -19.56 -8.05 0.99
CA TYR C 93 -19.33 -6.87 1.80
C TYR C 93 -19.00 -7.26 3.21
N TYR C 94 -17.83 -6.85 3.65
CA TYR C 94 -17.31 -7.09 4.97
C TYR C 94 -17.34 -5.82 5.85
N CYS C 95 -17.63 -6.06 7.09
CA CYS C 95 -17.69 -5.06 8.11
C CYS C 95 -16.35 -5.23 8.89
N VAL C 96 -15.65 -4.14 9.21
CA VAL C 96 -14.29 -4.19 9.77
C VAL C 96 -14.17 -3.26 10.97
N ARG C 97 -13.78 -3.83 12.13
CA ARG C 97 -13.42 -3.08 13.30
C ARG C 97 -11.93 -2.76 13.29
N GLY C 98 -11.60 -1.50 13.50
CA GLY C 98 -10.24 -1.04 13.60
C GLY C 98 -9.97 -0.21 14.86
N GLY C 99 -8.84 -0.51 15.47
CA GLY C 99 -8.33 0.23 16.56
C GLY C 99 -7.16 -0.41 17.23
N TYR C 100 -6.26 0.43 17.71
CA TYR C 100 -5.22 0.02 18.64
C TYR C 100 -4.25 -0.94 17.98
N GLY C 101 -4.05 -0.81 16.67
CA GLY C 101 -3.18 -1.72 15.92
C GLY C 101 -3.83 -3.07 15.64
N THR C 102 -5.14 -3.09 15.44
CA THR C 102 -5.86 -4.32 15.26
C THR C 102 -6.95 -4.09 14.26
N SER C 103 -7.33 -5.15 13.56
CA SER C 103 -8.42 -5.13 12.54
C SER C 103 -9.07 -6.46 12.72
N TYR C 104 -10.41 -6.49 12.60
CA TYR C 104 -11.16 -7.69 12.73
C TYR C 104 -12.28 -7.54 11.74
N TRP C 105 -12.43 -8.51 10.83
CA TRP C 105 -13.40 -8.44 9.78
C TRP C 105 -14.47 -9.54 10.06
N GLY C 106 -15.75 -9.25 9.81
CA GLY C 106 -16.76 -10.30 9.86
C GLY C 106 -16.68 -11.27 8.70
N GLN C 107 -17.64 -12.16 8.60
CA GLN C 107 -17.65 -13.20 7.57
C GLN C 107 -18.19 -12.76 6.23
N GLY C 108 -18.89 -11.63 6.17
CA GLY C 108 -19.28 -11.01 4.90
C GLY C 108 -20.73 -11.36 4.59
N THR C 109 -21.36 -10.51 3.77
CA THR C 109 -22.67 -10.83 3.21
C THR C 109 -22.62 -10.51 1.72
N THR C 110 -23.13 -11.40 0.85
CA THR C 110 -22.95 -11.29 -0.62
C THR C 110 -24.10 -10.52 -1.24
N VAL C 111 -23.74 -9.55 -2.07
CA VAL C 111 -24.68 -8.66 -2.72
C VAL C 111 -24.50 -8.90 -4.20
N THR C 112 -25.56 -9.33 -4.85
CA THR C 112 -25.55 -9.61 -6.27
C THR C 112 -26.48 -8.55 -6.93
N VAL C 113 -25.92 -7.72 -7.79
CA VAL C 113 -26.77 -6.74 -8.46
C VAL C 113 -27.19 -7.36 -9.78
N SER C 114 -28.48 -7.61 -9.99
CA SER C 114 -28.91 -8.44 -11.13
C SER C 114 -30.43 -8.40 -11.31
N SER C 115 -30.86 -8.59 -12.53
CA SER C 115 -32.29 -8.70 -12.77
C SER C 115 -32.80 -10.08 -12.64
N ALA C 116 -31.94 -11.08 -12.58
CA ALA C 116 -32.40 -12.47 -12.70
C ALA C 116 -33.38 -12.81 -11.57
N LYS C 117 -34.24 -13.77 -11.80
CA LYS C 117 -35.25 -14.13 -10.82
C LYS C 117 -34.62 -14.98 -9.71
N THR C 118 -35.04 -14.70 -8.48
CA THR C 118 -34.69 -15.53 -7.38
C THR C 118 -35.27 -16.94 -7.54
N THR C 119 -34.41 -17.96 -7.49
CA THR C 119 -34.84 -19.34 -7.69
C THR C 119 -34.24 -20.32 -6.67
N PRO C 120 -35.06 -21.14 -5.98
CA PRO C 120 -34.50 -22.09 -5.01
C PRO C 120 -33.82 -23.26 -5.68
N PRO C 121 -32.90 -23.97 -4.98
CA PRO C 121 -32.19 -25.06 -5.60
C PRO C 121 -32.99 -26.34 -5.64
N SER C 122 -32.71 -27.18 -6.65
CA SER C 122 -33.08 -28.60 -6.65
C SER C 122 -31.86 -29.32 -6.15
N VAL C 123 -32.06 -30.24 -5.19
CA VAL C 123 -31.00 -30.99 -4.53
C VAL C 123 -31.20 -32.44 -4.84
N TYR C 124 -30.25 -33.04 -5.53
CA TYR C 124 -30.35 -34.42 -5.96
C TYR C 124 -29.26 -35.21 -5.26
N PRO C 125 -29.60 -36.36 -4.65
CA PRO C 125 -28.61 -37.27 -4.00
C PRO C 125 -27.69 -37.99 -4.97
N LEU C 126 -26.45 -38.18 -4.58
CA LEU C 126 -25.51 -38.91 -5.40
C LEU C 126 -25.12 -40.16 -4.63
N ALA C 127 -25.63 -41.30 -5.09
CA ALA C 127 -25.30 -42.57 -4.49
C ALA C 127 -24.56 -43.43 -5.49
N PRO C 128 -23.60 -44.26 -5.05
CA PRO C 128 -22.84 -45.13 -5.96
C PRO C 128 -23.75 -46.04 -6.77
N GLY C 129 -23.41 -46.31 -8.02
CA GLY C 129 -24.15 -47.33 -8.77
C GLY C 129 -24.28 -48.70 -8.07
N SER C 130 -25.47 -49.32 -8.22
CA SER C 130 -25.81 -50.71 -7.80
C SER C 130 -24.66 -51.75 -7.81
N ALA C 131 -23.94 -51.77 -8.93
CA ALA C 131 -22.85 -52.74 -9.19
C ALA C 131 -21.47 -52.21 -8.77
N ALA C 132 -21.37 -50.98 -8.25
CA ALA C 132 -20.09 -50.47 -7.68
C ALA C 132 -19.67 -51.32 -6.45
N GLN C 133 -18.43 -51.15 -5.98
CA GLN C 133 -17.91 -51.92 -4.81
C GLN C 133 -17.74 -51.09 -3.52
N THR C 134 -17.57 -51.76 -2.36
CA THR C 134 -17.59 -51.06 -1.03
C THR C 134 -16.26 -50.34 -0.65
N ASN C 135 -15.12 -51.05 -0.73
CA ASN C 135 -13.73 -50.47 -0.60
C ASN C 135 -13.27 -49.67 0.68
N SER C 136 -13.84 -49.93 1.84
CA SER C 136 -13.40 -49.32 3.12
C SER C 136 -13.72 -47.82 3.36
N MET C 137 -13.46 -46.96 2.38
CA MET C 137 -14.03 -45.59 2.36
C MET C 137 -15.03 -45.57 1.23
N VAL C 138 -16.22 -44.96 1.47
CA VAL C 138 -17.25 -44.78 0.48
C VAL C 138 -17.51 -43.26 0.30
N THR C 139 -17.60 -42.84 -0.95
CA THR C 139 -17.87 -41.42 -1.31
C THR C 139 -19.31 -41.25 -1.81
N LEU C 140 -20.01 -40.29 -1.21
CA LEU C 140 -21.38 -39.95 -1.56
C LEU C 140 -21.41 -38.44 -1.97
N GLY C 141 -22.52 -38.00 -2.55
CA GLY C 141 -22.67 -36.63 -2.78
C GLY C 141 -24.05 -36.09 -2.96
N CYS C 142 -24.04 -34.81 -3.36
CA CYS C 142 -25.17 -33.95 -3.36
C CYS C 142 -24.99 -32.99 -4.52
N LEU C 143 -25.94 -32.94 -5.45
CA LEU C 143 -25.87 -32.04 -6.58
C LEU C 143 -26.92 -31.01 -6.43
N VAL C 144 -26.48 -29.75 -6.39
CA VAL C 144 -27.36 -28.57 -6.03
C VAL C 144 -27.45 -27.70 -7.26
N LYS C 145 -28.62 -27.65 -7.85
CA LYS C 145 -28.76 -27.21 -9.22
C LYS C 145 -29.91 -26.24 -9.39
N GLY C 146 -29.79 -25.39 -10.42
CA GLY C 146 -30.83 -24.43 -10.76
C GLY C 146 -31.22 -23.30 -9.81
N TYR C 147 -30.28 -22.68 -9.10
CA TYR C 147 -30.65 -21.65 -8.08
C TYR C 147 -30.05 -20.31 -8.36
N PHE C 148 -30.64 -19.28 -7.76
CA PHE C 148 -30.15 -17.93 -7.92
C PHE C 148 -30.73 -17.02 -6.85
N PRO C 149 -29.98 -16.13 -6.27
CA PRO C 149 -28.54 -16.01 -6.36
C PRO C 149 -27.77 -16.89 -5.43
N GLU C 150 -26.45 -16.76 -5.52
CA GLU C 150 -25.52 -17.12 -4.48
C GLU C 150 -25.80 -16.34 -3.20
N PRO C 151 -25.55 -16.92 -2.02
CA PRO C 151 -24.94 -18.23 -1.87
C PRO C 151 -25.96 -19.32 -1.47
N VAL C 152 -25.49 -20.58 -1.51
CA VAL C 152 -26.13 -21.61 -0.73
C VAL C 152 -25.09 -22.14 0.26
N THR C 153 -25.53 -22.75 1.34
CA THR C 153 -24.62 -23.47 2.20
C THR C 153 -25.01 -24.93 2.16
N VAL C 154 -24.00 -25.76 2.33
CA VAL C 154 -24.17 -27.18 2.38
C VAL C 154 -23.48 -27.72 3.61
N THR C 155 -24.20 -28.48 4.44
CA THR C 155 -23.57 -29.24 5.48
C THR C 155 -24.01 -30.72 5.33
N TRP C 156 -23.40 -31.58 6.10
CA TRP C 156 -23.69 -33.00 6.08
C TRP C 156 -23.98 -33.45 7.52
N ASN C 157 -25.11 -34.11 7.68
CA ASN C 157 -25.63 -34.44 9.01
C ASN C 157 -25.61 -33.26 9.99
N SER C 158 -26.04 -32.09 9.49
CA SER C 158 -26.14 -30.85 10.26
C SER C 158 -24.83 -30.38 10.79
N GLY C 159 -23.73 -30.66 10.09
CA GLY C 159 -22.43 -30.27 10.59
C GLY C 159 -21.67 -31.33 11.34
N SER C 160 -22.30 -32.45 11.70
CA SER C 160 -21.61 -33.58 12.35
C SER C 160 -20.58 -34.29 11.47
N LEU C 161 -20.82 -34.36 10.17
CA LEU C 161 -19.81 -34.85 9.23
C LEU C 161 -19.17 -33.62 8.67
N SER C 162 -17.94 -33.31 9.09
CA SER C 162 -17.25 -32.10 8.63
C SER C 162 -15.95 -32.49 7.92
N SER C 163 -15.25 -33.51 8.40
CA SER C 163 -14.06 -33.95 7.69
C SER C 163 -14.45 -34.87 6.53
N GLY C 164 -13.58 -34.87 5.55
CA GLY C 164 -13.86 -35.58 4.33
C GLY C 164 -14.90 -34.96 3.42
N VAL C 165 -15.29 -33.72 3.67
CA VAL C 165 -16.21 -32.98 2.82
C VAL C 165 -15.42 -32.08 1.80
N HIS C 166 -15.83 -32.12 0.52
CA HIS C 166 -15.41 -31.15 -0.48
C HIS C 166 -16.69 -30.51 -1.04
N THR C 167 -16.86 -29.21 -0.85
CA THR C 167 -17.97 -28.48 -1.43
C THR C 167 -17.40 -27.58 -2.61
N PHE C 168 -17.85 -27.83 -3.83
CA PHE C 168 -17.20 -27.30 -5.03
C PHE C 168 -17.77 -25.91 -5.33
N PRO C 169 -16.94 -24.92 -5.71
CA PRO C 169 -17.50 -23.60 -6.03
C PRO C 169 -18.59 -23.68 -7.08
N ALA C 170 -19.63 -22.91 -6.85
CA ALA C 170 -20.74 -22.79 -7.77
C ALA C 170 -20.30 -22.14 -9.07
N VAL C 171 -20.89 -22.57 -10.17
CA VAL C 171 -20.61 -22.02 -11.45
C VAL C 171 -21.91 -21.53 -12.07
N LEU C 172 -21.86 -20.34 -12.66
CA LEU C 172 -23.03 -19.70 -13.22
C LEU C 172 -23.22 -20.08 -14.71
N GLN C 173 -24.41 -20.55 -15.06
CA GLN C 173 -24.77 -20.78 -16.44
C GLN C 173 -26.16 -20.24 -16.67
N SER C 174 -26.25 -19.27 -17.56
CA SER C 174 -27.55 -18.66 -17.90
C SER C 174 -28.58 -18.33 -16.75
N ASP C 175 -28.11 -17.50 -15.81
CA ASP C 175 -28.89 -17.06 -14.67
C ASP C 175 -29.08 -18.15 -13.63
N LEU C 176 -28.42 -19.31 -13.76
CA LEU C 176 -28.61 -20.34 -12.76
C LEU C 176 -27.25 -20.97 -12.36
N TYR C 177 -27.11 -21.16 -11.07
CA TYR C 177 -25.92 -21.73 -10.53
C TYR C 177 -26.12 -23.20 -10.33
N THR C 178 -25.00 -23.87 -10.39
CA THR C 178 -24.88 -25.28 -10.04
C THR C 178 -23.64 -25.47 -9.15
N LEU C 179 -23.78 -26.32 -8.15
CA LEU C 179 -22.74 -26.62 -7.20
C LEU C 179 -22.83 -28.09 -6.82
N SER C 180 -21.76 -28.70 -6.36
CA SER C 180 -21.86 -30.01 -5.84
C SER C 180 -21.06 -30.13 -4.57
N SER C 181 -21.34 -31.17 -3.79
CA SER C 181 -20.62 -31.49 -2.54
C SER C 181 -20.46 -32.98 -2.41
N SER C 182 -19.23 -33.41 -2.10
CA SER C 182 -18.92 -34.81 -1.83
C SER C 182 -18.58 -35.01 -0.35
N VAL C 183 -18.93 -36.18 0.17
CA VAL C 183 -18.53 -36.58 1.51
C VAL C 183 -18.03 -38.03 1.47
N THR C 184 -16.94 -38.26 2.17
CA THR C 184 -16.30 -39.58 2.19
C THR C 184 -16.36 -40.11 3.63
N VAL C 185 -16.97 -41.29 3.82
CA VAL C 185 -17.10 -41.88 5.14
C VAL C 185 -16.61 -43.32 5.16
N PRO C 186 -16.25 -43.83 6.34
CA PRO C 186 -16.01 -45.32 6.34
C PRO C 186 -17.24 -46.11 5.86
N SER C 187 -16.98 -47.12 5.03
CA SER C 187 -18.07 -47.98 4.52
C SER C 187 -18.75 -48.77 5.63
N SER C 188 -18.08 -48.95 6.76
CA SER C 188 -18.78 -49.50 7.95
C SER C 188 -19.91 -48.62 8.52
N THR C 189 -19.96 -47.32 8.16
CA THR C 189 -20.99 -46.37 8.66
C THR C 189 -22.05 -46.05 7.64
N TRP C 190 -21.89 -46.44 6.38
CA TRP C 190 -22.95 -46.22 5.42
C TRP C 190 -23.13 -47.43 4.52
N PRO C 191 -24.35 -47.98 4.43
CA PRO C 191 -25.61 -47.36 4.84
C PRO C 191 -26.12 -47.70 6.23
N SER C 192 -25.37 -48.42 7.06
CA SER C 192 -25.88 -48.69 8.42
C SER C 192 -26.43 -47.39 9.05
N GLU C 193 -25.77 -46.25 8.81
CA GLU C 193 -26.17 -44.94 9.39
C GLU C 193 -26.51 -43.97 8.30
N THR C 194 -27.46 -43.12 8.65
CA THR C 194 -28.02 -42.09 7.83
C THR C 194 -26.94 -41.05 7.45
N VAL C 195 -26.95 -40.62 6.18
CA VAL C 195 -26.15 -39.49 5.72
C VAL C 195 -27.12 -38.62 4.98
N THR C 196 -27.12 -37.33 5.29
CA THR C 196 -28.11 -36.41 4.76
C THR C 196 -27.32 -35.14 4.35
N CYS C 197 -27.57 -34.55 3.18
CA CYS C 197 -26.99 -33.22 2.94
C CYS C 197 -28.02 -32.19 3.27
N ASN C 198 -27.60 -31.15 3.96
CA ASN C 198 -28.44 -30.03 4.31
C ASN C 198 -28.04 -28.81 3.48
N VAL C 199 -28.95 -28.39 2.63
CA VAL C 199 -28.75 -27.26 1.77
C VAL C 199 -29.62 -26.08 2.19
N ALA C 200 -29.03 -24.91 2.45
CA ALA C 200 -29.77 -23.71 2.77
C ALA C 200 -29.58 -22.70 1.66
N HIS C 201 -30.64 -22.00 1.29
CA HIS C 201 -30.59 -20.93 0.29
C HIS C 201 -31.27 -19.72 0.89
N PRO C 202 -30.52 -18.89 1.63
CA PRO C 202 -31.15 -17.76 2.39
C PRO C 202 -31.97 -16.82 1.53
N ALA C 203 -31.57 -16.55 0.29
CA ALA C 203 -32.39 -15.62 -0.55
C ALA C 203 -33.81 -16.09 -0.86
N SER C 204 -34.07 -17.40 -0.91
CA SER C 204 -35.46 -17.91 -1.06
C SER C 204 -36.02 -18.41 0.28
N SER C 205 -35.26 -18.22 1.35
CA SER C 205 -35.64 -18.71 2.67
C SER C 205 -35.89 -20.25 2.71
N THR C 206 -35.08 -20.99 1.96
CA THR C 206 -35.28 -22.39 1.71
C THR C 206 -34.21 -23.27 2.35
N LYS C 207 -34.63 -24.39 2.95
CA LYS C 207 -33.78 -25.51 3.39
C LYS C 207 -34.26 -26.83 2.83
N VAL C 208 -33.35 -27.63 2.29
CA VAL C 208 -33.64 -28.95 1.76
C VAL C 208 -32.77 -29.92 2.48
N ASP C 209 -33.34 -30.97 3.02
CA ASP C 209 -32.55 -32.05 3.63
C ASP C 209 -32.73 -33.34 2.83
N LYS C 210 -31.72 -33.73 2.07
CA LYS C 210 -31.80 -34.89 1.23
C LYS C 210 -30.95 -36.05 1.78
N LYS C 211 -31.64 -37.09 2.17
CA LYS C 211 -31.03 -38.30 2.67
C LYS C 211 -30.48 -39.08 1.51
N ILE C 212 -29.27 -39.57 1.65
CA ILE C 212 -28.65 -40.35 0.59
C ILE C 212 -28.97 -41.83 0.84
N VAL C 213 -29.83 -42.38 -0.02
CA VAL C 213 -30.34 -43.78 0.14
C VAL C 213 -29.57 -44.70 -0.86
N PRO C 214 -29.12 -45.91 -0.46
CA PRO C 214 -28.37 -46.73 -1.47
C PRO C 214 -29.31 -47.21 -2.59
N ARG C 215 -28.80 -47.52 -3.79
CA ARG C 215 -29.67 -47.44 -4.99
C ARG C 215 -30.71 -48.53 -5.26
N ASP D 1 -5.00 9.00 -6.64
CA ASP D 1 -5.07 7.86 -5.76
C ASP D 1 -3.69 7.34 -5.64
N VAL D 2 -3.43 6.63 -4.55
CA VAL D 2 -2.21 5.85 -4.41
C VAL D 2 -2.47 4.48 -5.04
N LEU D 3 -1.70 4.11 -6.07
CA LEU D 3 -1.83 2.84 -6.78
C LEU D 3 -0.84 1.89 -6.16
N LEU D 4 -1.32 0.71 -5.88
CA LEU D 4 -0.48 -0.32 -5.31
C LEU D 4 -0.36 -1.49 -6.32
N THR D 5 0.87 -1.79 -6.74
CA THR D 5 1.10 -2.85 -7.71
C THR D 5 1.79 -3.98 -6.97
N GLN D 6 1.13 -5.10 -6.91
CA GLN D 6 1.56 -6.19 -6.17
C GLN D 6 2.07 -7.24 -7.12
N THR D 7 3.24 -7.78 -6.85
CA THR D 7 3.77 -8.90 -7.62
C THR D 7 4.31 -9.99 -6.63
N PRO D 8 4.36 -11.25 -7.06
CA PRO D 8 3.75 -11.72 -8.36
C PRO D 8 2.28 -11.91 -8.16
N LEU D 9 1.56 -12.22 -9.22
CA LEU D 9 0.19 -12.64 -9.09
C LEU D 9 -0.02 -14.04 -8.41
N SER D 10 0.81 -15.04 -8.72
CA SER D 10 0.81 -16.35 -8.15
C SER D 10 2.18 -16.67 -7.65
N LEU D 11 2.27 -17.42 -6.56
CA LEU D 11 3.53 -17.68 -5.89
C LEU D 11 3.55 -19.13 -5.43
N PRO D 12 4.11 -19.99 -6.26
CA PRO D 12 4.19 -21.40 -5.86
C PRO D 12 5.41 -21.56 -4.96
N VAL D 13 5.29 -22.24 -3.85
CA VAL D 13 6.36 -22.35 -2.88
C VAL D 13 6.26 -23.69 -2.13
N SER D 14 7.39 -24.30 -1.91
CA SER D 14 7.48 -25.54 -1.18
C SER D 14 7.43 -25.34 0.31
N LEU D 15 7.03 -26.37 1.03
CA LEU D 15 6.94 -26.32 2.47
C LEU D 15 8.32 -26.05 3.03
N GLY D 16 8.43 -25.16 4.04
CA GLY D 16 9.69 -24.82 4.65
C GLY D 16 10.53 -23.80 3.90
N GLU D 17 10.11 -23.40 2.71
CA GLU D 17 10.86 -22.43 1.92
C GLU D 17 10.32 -21.03 2.25
N GLN D 18 10.99 -20.02 1.69
CA GLN D 18 10.63 -18.67 1.91
C GLN D 18 9.87 -18.11 0.72
N ALA D 19 8.84 -17.35 0.99
CA ALA D 19 8.01 -16.64 -0.03
C ALA D 19 8.18 -15.09 0.18
N SER D 20 8.53 -14.40 -0.90
CA SER D 20 8.56 -12.91 -0.93
C SER D 20 7.48 -12.30 -1.81
N ILE D 21 6.72 -11.36 -1.26
CA ILE D 21 5.64 -10.69 -1.95
C ILE D 21 5.94 -9.20 -1.95
N SER D 22 5.85 -8.59 -3.12
CA SER D 22 6.23 -7.16 -3.27
C SER D 22 5.00 -6.35 -3.52
N CYS D 23 5.05 -5.16 -2.98
CA CYS D 23 4.05 -4.20 -3.23
C CYS D 23 4.75 -2.87 -3.56
N ARG D 24 4.40 -2.32 -4.71
CA ARG D 24 5.04 -1.07 -5.20
C ARG D 24 4.00 0.00 -5.23
N SER D 25 4.25 1.04 -4.53
CA SER D 25 3.41 2.20 -4.50
C SER D 25 3.72 3.25 -5.64
N SER D 26 2.71 4.03 -6.04
CA SER D 26 2.81 5.05 -7.07
C SER D 26 3.43 6.29 -6.57
N GLN D 27 3.64 6.37 -5.28
CA GLN D 27 4.24 7.57 -4.65
C GLN D 27 4.85 7.16 -3.31
N SER D 28 5.78 7.91 -2.83
CA SER D 28 6.04 7.84 -1.41
C SER D 28 4.72 8.03 -0.60
N ILE D 29 4.45 7.03 0.23
CA ILE D 29 3.55 7.23 1.32
C ILE D 29 4.44 7.64 2.49
N VAL D 30 4.15 8.76 3.08
CA VAL D 30 4.40 8.88 4.53
C VAL D 30 3.25 9.84 4.74
N HIS D 31 2.38 9.60 5.73
CA HIS D 31 1.38 10.64 6.05
C HIS D 31 2.17 11.73 6.76
N SER D 32 2.39 12.85 6.03
CA SER D 32 3.10 14.07 6.50
C SER D 32 4.58 13.69 6.82
N ILE D 33 4.98 13.79 8.11
CA ILE D 33 6.27 13.39 8.63
C ILE D 33 5.97 12.45 9.77
N GLY D 34 4.84 11.75 9.69
CA GLY D 34 4.32 10.81 10.70
C GLY D 34 4.50 9.37 10.20
N ASP D 35 3.54 8.51 10.53
CA ASP D 35 3.63 7.05 10.22
C ASP D 35 3.30 6.76 8.77
N THR D 36 3.77 5.63 8.31
CA THR D 36 3.39 5.02 7.04
C THR D 36 2.39 3.88 7.27
N TYR D 37 1.17 4.07 6.82
CA TYR D 37 0.14 3.14 7.19
C TYR D 37 0.03 2.08 6.09
N LEU D 38 1.01 1.20 6.03
CA LEU D 38 0.96 0.17 5.02
C LEU D 38 0.75 -1.20 5.77
N GLU D 39 -0.25 -1.97 5.34
CA GLU D 39 -0.75 -3.14 6.02
C GLU D 39 -0.70 -4.30 5.07
N TRP D 40 -0.54 -5.48 5.65
CA TRP D 40 -0.70 -6.72 4.89
C TRP D 40 -1.86 -7.58 5.50
N TYR D 41 -2.70 -8.15 4.66
CA TYR D 41 -3.80 -8.99 5.03
C TYR D 41 -3.64 -10.30 4.31
N LEU D 42 -4.14 -11.39 4.94
CA LEU D 42 -4.19 -12.70 4.28
C LEU D 42 -5.59 -13.20 4.27
N GLN D 43 -6.06 -13.66 3.12
CA GLN D 43 -7.36 -14.37 3.07
C GLN D 43 -7.19 -15.79 2.73
N LYS D 44 -7.56 -16.69 3.68
CA LYS D 44 -7.53 -18.09 3.47
C LYS D 44 -8.75 -18.61 2.84
N PRO D 45 -8.66 -19.72 2.15
CA PRO D 45 -9.87 -20.11 1.35
C PRO D 45 -11.15 -20.23 2.23
N GLY D 46 -12.25 -19.68 1.78
CA GLY D 46 -13.46 -19.75 2.56
C GLY D 46 -13.54 -18.80 3.81
N GLN D 47 -12.60 -17.92 4.03
CA GLN D 47 -12.58 -17.09 5.23
C GLN D 47 -12.54 -15.65 4.81
N SER D 48 -12.74 -14.73 5.73
CA SER D 48 -12.44 -13.34 5.45
C SER D 48 -10.96 -12.97 5.67
N PRO D 49 -10.54 -11.84 5.12
CA PRO D 49 -9.25 -11.40 5.32
C PRO D 49 -8.97 -11.17 6.77
N LYS D 50 -7.71 -11.40 7.14
CA LYS D 50 -7.18 -11.07 8.45
C LYS D 50 -5.88 -10.30 8.34
N LEU D 51 -5.63 -9.50 9.34
CA LEU D 51 -4.43 -8.65 9.42
C LEU D 51 -3.21 -9.45 9.77
N LEU D 52 -2.16 -9.27 8.97
CA LEU D 52 -0.79 -9.80 9.30
C LEU D 52 0.12 -8.72 9.92
N ILE D 53 0.23 -7.59 9.21
CA ILE D 53 1.19 -6.55 9.49
C ILE D 53 0.55 -5.18 9.39
N TYR D 54 0.90 -4.29 10.30
CA TYR D 54 0.48 -2.91 10.20
C TYR D 54 1.69 -2.00 10.34
N LYS D 55 1.56 -0.77 9.90
CA LYS D 55 2.62 0.20 9.81
C LYS D 55 3.93 -0.36 9.35
N VAL D 56 3.86 -1.03 8.23
CA VAL D 56 4.98 -1.51 7.45
C VAL D 56 5.50 -2.78 8.01
N SER D 57 5.87 -2.78 9.29
CA SER D 57 6.61 -3.86 9.86
C SER D 57 6.10 -4.39 11.19
N ASN D 58 5.00 -3.89 11.74
CA ASN D 58 4.53 -4.42 13.09
C ASN D 58 3.60 -5.62 12.95
N ARG D 59 3.91 -6.71 13.62
CA ARG D 59 3.09 -7.95 13.54
CA ARG D 59 3.08 -7.95 13.52
C ARG D 59 1.81 -7.77 14.33
N PHE D 60 0.65 -8.02 13.73
CA PHE D 60 -0.59 -8.13 14.56
C PHE D 60 -0.39 -9.28 15.64
N SER D 61 -1.02 -9.14 16.77
CA SER D 61 -1.00 -10.15 17.86
C SER D 61 -1.30 -11.54 17.39
N GLY D 62 -0.44 -12.47 17.79
CA GLY D 62 -0.51 -13.84 17.33
C GLY D 62 0.04 -14.18 15.95
N VAL D 63 0.56 -13.21 15.23
CA VAL D 63 1.29 -13.52 13.99
C VAL D 63 2.74 -13.84 14.33
N PRO D 64 3.19 -15.02 13.99
CA PRO D 64 4.53 -15.36 14.36
C PRO D 64 5.61 -14.57 13.59
N ASP D 65 6.78 -14.51 14.19
CA ASP D 65 7.83 -13.71 13.67
C ASP D 65 8.54 -14.21 12.40
N ARG D 66 8.23 -15.42 11.95
CA ARG D 66 8.54 -15.73 10.57
C ARG D 66 7.85 -14.80 9.47
N PHE D 67 6.79 -14.06 9.84
CA PHE D 67 6.14 -13.05 8.97
C PHE D 67 6.84 -11.74 9.21
N SER D 68 7.44 -11.19 8.15
CA SER D 68 8.27 -10.01 8.25
C SER D 68 7.94 -9.02 7.14
N GLY D 69 7.45 -7.85 7.55
CA GLY D 69 7.20 -6.70 6.67
C GLY D 69 8.37 -5.70 6.67
N SER D 70 8.73 -5.16 5.52
CA SER D 70 9.70 -4.06 5.43
C SER D 70 9.43 -3.19 4.19
N GLY D 71 10.13 -2.07 4.08
CA GLY D 71 9.90 -1.21 2.93
C GLY D 71 10.91 -0.11 2.86
N SER D 72 11.51 0.08 1.70
CA SER D 72 12.42 1.22 1.39
C SER D 72 11.89 1.95 0.12
N GLY D 73 11.70 3.27 0.26
CA GLY D 73 11.03 4.14 -0.74
C GLY D 73 9.64 3.65 -0.88
N THR D 74 9.24 3.38 -2.17
CA THR D 74 7.90 2.91 -2.72
C THR D 74 7.73 1.43 -2.72
N ASP D 75 8.74 0.68 -2.35
CA ASP D 75 8.71 -0.78 -2.36
C ASP D 75 8.63 -1.40 -1.00
N PHE D 76 7.58 -2.18 -0.84
CA PHE D 76 7.29 -2.87 0.41
C PHE D 76 7.35 -4.36 0.11
N THR D 77 7.79 -5.12 1.08
CA THR D 77 7.93 -6.53 0.93
C THR D 77 7.34 -7.28 2.16
N LEU D 78 6.56 -8.29 1.90
CA LEU D 78 6.22 -9.25 2.95
C LEU D 78 7.02 -10.55 2.69
N LYS D 79 7.87 -10.91 3.66
CA LYS D 79 8.62 -12.16 3.61
C LYS D 79 8.01 -13.15 4.63
N ILE D 80 7.66 -14.31 4.10
CA ILE D 80 7.22 -15.47 4.89
C ILE D 80 8.24 -16.54 4.93
N SER D 81 8.93 -16.67 6.06
CA SER D 81 9.85 -17.75 6.17
C SER D 81 9.12 -19.05 6.61
N ARG D 82 9.73 -20.20 6.28
CA ARG D 82 9.30 -21.56 6.66
C ARG D 82 7.79 -21.75 6.49
N VAL D 83 7.38 -21.55 5.24
CA VAL D 83 6.02 -21.68 4.83
C VAL D 83 5.44 -23.02 5.28
N GLU D 84 4.29 -22.94 5.91
CA GLU D 84 3.42 -24.11 6.23
C GLU D 84 2.22 -24.05 5.29
N ALA D 85 1.56 -25.16 5.21
CA ALA D 85 0.38 -25.36 4.35
C ALA D 85 -0.73 -24.41 4.68
N GLU D 86 -0.90 -24.05 5.94
CA GLU D 86 -1.98 -23.17 6.36
C GLU D 86 -1.71 -21.72 6.01
N ASP D 87 -0.52 -21.39 5.47
CA ASP D 87 -0.21 -20.04 4.91
C ASP D 87 -0.82 -19.78 3.53
N LEU D 88 -1.42 -20.78 2.90
CA LEU D 88 -1.97 -20.63 1.57
C LEU D 88 -3.20 -19.77 1.56
N GLY D 89 -3.35 -19.07 0.46
CA GLY D 89 -4.44 -18.09 0.31
C GLY D 89 -4.01 -16.89 -0.49
N ILE D 90 -4.82 -15.82 -0.41
CA ILE D 90 -4.50 -14.60 -1.12
C ILE D 90 -4.00 -13.51 -0.13
N TYR D 91 -2.80 -12.98 -0.42
CA TYR D 91 -2.21 -11.87 0.34
C TYR D 91 -2.46 -10.54 -0.34
N TYR D 92 -2.77 -9.51 0.45
CA TYR D 92 -3.04 -8.23 -0.10
C TYR D 92 -2.26 -7.21 0.67
N CYS D 93 -1.65 -6.25 -0.04
CA CYS D 93 -1.14 -5.08 0.66
C CYS D 93 -2.24 -4.04 0.66
N PHE D 94 -2.12 -3.08 1.57
CA PHE D 94 -3.09 -2.02 1.75
C PHE D 94 -2.46 -0.76 2.30
N GLN D 95 -2.90 0.41 1.77
CA GLN D 95 -2.43 1.67 2.33
C GLN D 95 -3.61 2.45 2.89
N GLY D 96 -3.39 3.01 4.08
CA GLY D 96 -4.31 3.87 4.72
C GLY D 96 -3.71 5.19 5.10
N SER D 97 -2.65 5.62 4.40
CA SER D 97 -2.12 6.95 4.59
C SER D 97 -2.82 8.05 3.84
N HIS D 98 -3.51 7.75 2.78
CA HIS D 98 -4.23 8.75 2.05
C HIS D 98 -5.59 8.21 1.57
N PHE D 99 -6.55 9.11 1.45
CA PHE D 99 -7.87 8.80 0.91
C PHE D 99 -7.81 9.01 -0.56
N PRO D 100 -8.36 8.12 -1.36
CA PRO D 100 -9.08 6.95 -0.91
C PRO D 100 -8.10 5.84 -0.49
N TYR D 101 -8.46 5.06 0.51
CA TYR D 101 -7.68 3.89 0.90
C TYR D 101 -7.66 2.95 -0.28
N THR D 102 -6.52 2.31 -0.54
CA THR D 102 -6.46 1.35 -1.66
C THR D 102 -5.73 -0.01 -1.29
N PHE D 103 -6.05 -1.07 -2.03
CA PHE D 103 -5.45 -2.34 -1.89
C PHE D 103 -4.65 -2.71 -3.16
N GLY D 104 -3.59 -3.50 -2.95
CA GLY D 104 -2.97 -4.18 -4.07
C GLY D 104 -3.94 -5.20 -4.58
N GLY D 105 -3.65 -5.65 -5.79
CA GLY D 105 -4.50 -6.61 -6.48
C GLY D 105 -4.45 -8.01 -5.87
N GLY D 106 -3.49 -8.34 -5.01
CA GLY D 106 -3.41 -9.67 -4.51
C GLY D 106 -2.40 -10.61 -5.14
N THR D 107 -1.94 -11.56 -4.33
CA THR D 107 -1.01 -12.56 -4.67
C THR D 107 -1.53 -13.88 -4.05
N LYS D 108 -1.74 -14.88 -4.89
CA LYS D 108 -2.19 -16.16 -4.48
C LYS D 108 -0.93 -17.07 -4.15
N LEU D 109 -0.75 -17.42 -2.90
CA LEU D 109 0.29 -18.34 -2.51
C LEU D 109 -0.20 -19.76 -2.66
N GLU D 110 0.53 -20.57 -3.40
CA GLU D 110 0.19 -21.95 -3.69
C GLU D 110 1.28 -22.81 -3.13
N ILE D 111 0.93 -23.94 -2.52
CA ILE D 111 1.90 -24.86 -1.95
C ILE D 111 2.27 -25.95 -2.96
N LYS D 112 3.56 -26.14 -3.18
CA LYS D 112 4.09 -27.26 -3.93
C LYS D 112 4.31 -28.39 -2.99
N ARG D 113 3.99 -29.56 -3.42
CA ARG D 113 4.10 -30.82 -2.54
C ARG D 113 4.26 -31.94 -3.57
N ALA D 114 4.34 -33.17 -3.09
CA ALA D 114 4.56 -34.30 -3.98
C ALA D 114 3.33 -34.56 -4.82
N ASP D 115 3.52 -35.11 -6.00
CA ASP D 115 2.42 -35.48 -6.84
C ASP D 115 1.53 -36.54 -6.18
N ALA D 116 0.23 -36.40 -6.33
CA ALA D 116 -0.69 -37.43 -5.89
C ALA D 116 -1.84 -37.61 -6.89
N ALA D 117 -2.21 -38.86 -7.05
CA ALA D 117 -3.19 -39.33 -7.98
C ALA D 117 -4.60 -39.09 -7.41
N PRO D 118 -5.57 -38.81 -8.26
CA PRO D 118 -6.91 -38.57 -7.67
C PRO D 118 -7.65 -39.85 -7.24
N THR D 119 -8.62 -39.74 -6.32
CA THR D 119 -9.57 -40.81 -6.01
C THR D 119 -10.83 -40.49 -6.79
N VAL D 120 -11.28 -41.37 -7.68
CA VAL D 120 -12.32 -41.02 -8.61
C VAL D 120 -13.56 -41.84 -8.31
N SER D 121 -14.71 -41.17 -8.34
CA SER D 121 -16.04 -41.82 -8.21
C SER D 121 -17.02 -41.26 -9.19
N ILE D 122 -17.87 -42.14 -9.65
CA ILE D 122 -18.95 -41.83 -10.59
C ILE D 122 -20.32 -42.13 -10.01
N PHE D 123 -21.28 -41.30 -10.40
CA PHE D 123 -22.63 -41.29 -9.85
C PHE D 123 -23.64 -41.08 -10.97
N PRO D 124 -24.65 -41.97 -11.05
CA PRO D 124 -25.66 -41.85 -12.07
C PRO D 124 -26.70 -40.80 -11.69
N PRO D 125 -27.55 -40.38 -12.63
CA PRO D 125 -28.60 -39.44 -12.30
C PRO D 125 -29.54 -40.02 -11.27
N SER D 126 -30.03 -39.17 -10.37
CA SER D 126 -30.99 -39.63 -9.37
C SER D 126 -32.36 -39.72 -10.01
N SER D 127 -33.16 -40.60 -9.47
CA SER D 127 -34.49 -40.82 -10.00
C SER D 127 -35.28 -39.52 -9.85
N GLU D 128 -34.99 -38.71 -8.81
CA GLU D 128 -35.70 -37.43 -8.74
C GLU D 128 -35.26 -36.38 -9.81
N GLN D 129 -34.03 -36.39 -10.27
CA GLN D 129 -33.74 -35.54 -11.43
C GLN D 129 -34.43 -36.06 -12.71
N LEU D 130 -34.44 -37.37 -12.92
CA LEU D 130 -35.02 -37.97 -14.16
C LEU D 130 -36.50 -37.57 -14.39
N THR D 131 -37.25 -37.57 -13.30
CA THR D 131 -38.55 -36.91 -13.19
C THR D 131 -38.75 -35.52 -13.79
N SER D 132 -37.75 -34.67 -13.57
CA SER D 132 -37.74 -33.31 -14.11
C SER D 132 -37.50 -33.19 -15.62
N GLY D 133 -36.96 -34.26 -16.20
CA GLY D 133 -36.53 -34.23 -17.62
C GLY D 133 -35.05 -33.96 -17.95
N GLY D 134 -34.21 -33.79 -16.91
CA GLY D 134 -32.76 -33.64 -17.06
C GLY D 134 -32.10 -34.89 -16.49
N ALA D 135 -30.83 -35.05 -16.82
CA ALA D 135 -30.02 -36.18 -16.39
C ALA D 135 -28.55 -35.73 -16.26
N SER D 136 -28.05 -35.70 -15.02
CA SER D 136 -26.61 -35.30 -14.77
C SER D 136 -25.87 -36.48 -14.22
N VAL D 137 -24.74 -36.76 -14.84
CA VAL D 137 -23.80 -37.75 -14.34
C VAL D 137 -22.59 -37.02 -13.72
N VAL D 138 -22.17 -37.46 -12.53
CA VAL D 138 -21.14 -36.74 -11.79
C VAL D 138 -19.91 -37.62 -11.55
N CYS D 139 -18.70 -37.10 -11.81
CA CYS D 139 -17.39 -37.66 -11.31
C CYS D 139 -16.72 -36.68 -10.37
N PHE D 140 -16.41 -37.16 -9.20
CA PHE D 140 -15.55 -36.47 -8.27
C PHE D 140 -14.16 -37.01 -8.46
N LEU D 141 -13.22 -36.10 -8.47
CA LEU D 141 -11.82 -36.45 -8.55
C LEU D 141 -11.27 -35.78 -7.33
N ASN D 142 -10.98 -36.59 -6.32
CA ASN D 142 -10.62 -36.08 -5.01
C ASN D 142 -9.15 -36.22 -4.60
N ASN D 143 -8.68 -35.13 -3.94
CA ASN D 143 -7.37 -35.10 -3.28
C ASN D 143 -6.16 -35.45 -4.17
N PHE D 144 -5.89 -34.64 -5.19
CA PHE D 144 -4.78 -34.90 -6.08
C PHE D 144 -3.89 -33.65 -6.13
N TYR D 145 -2.69 -33.81 -6.71
CA TYR D 145 -1.79 -32.75 -6.93
C TYR D 145 -0.89 -33.13 -8.06
N PRO D 146 -0.57 -32.25 -9.00
CA PRO D 146 -0.96 -30.90 -9.07
C PRO D 146 -2.35 -30.69 -9.59
N LYS D 147 -2.70 -29.40 -9.65
CA LYS D 147 -4.06 -28.97 -9.97
C LYS D 147 -4.52 -29.35 -11.35
N ASP D 148 -3.64 -29.29 -12.31
CA ASP D 148 -3.97 -29.55 -13.66
C ASP D 148 -4.38 -31.02 -13.84
N ILE D 149 -5.53 -31.24 -14.45
CA ILE D 149 -6.06 -32.56 -14.68
C ILE D 149 -7.11 -32.52 -15.79
N ASN D 150 -7.30 -33.63 -16.50
CA ASN D 150 -8.30 -33.72 -17.57
C ASN D 150 -9.24 -34.81 -17.33
N VAL D 151 -10.48 -34.47 -17.62
CA VAL D 151 -11.56 -35.43 -17.63
C VAL D 151 -12.17 -35.53 -19.02
N LYS D 152 -12.30 -36.76 -19.46
CA LYS D 152 -12.90 -37.05 -20.77
C LYS D 152 -14.12 -37.86 -20.47
N TRP D 153 -15.25 -37.38 -20.95
CA TRP D 153 -16.49 -38.14 -20.81
C TRP D 153 -16.76 -38.96 -22.05
N LYS D 154 -17.13 -40.24 -21.87
CA LYS D 154 -17.59 -41.10 -22.95
C LYS D 154 -18.99 -41.65 -22.73
N ILE D 155 -19.79 -41.61 -23.78
CA ILE D 155 -21.09 -42.23 -23.81
C ILE D 155 -20.98 -43.35 -24.86
N ASP D 156 -21.29 -44.57 -24.44
CA ASP D 156 -21.09 -45.74 -25.29
C ASP D 156 -19.75 -45.75 -26.07
N GLY D 157 -18.68 -45.37 -25.39
CA GLY D 157 -17.35 -45.46 -25.96
C GLY D 157 -16.94 -44.32 -26.86
N SER D 158 -17.82 -43.32 -27.08
CA SER D 158 -17.41 -42.12 -27.79
C SER D 158 -17.53 -40.79 -26.98
N GLU D 159 -16.58 -39.92 -27.26
CA GLU D 159 -16.41 -38.75 -26.50
C GLU D 159 -17.62 -37.82 -26.55
N ARG D 160 -17.96 -37.21 -25.44
CA ARG D 160 -18.93 -36.16 -25.40
C ARG D 160 -18.33 -34.89 -24.78
N GLN D 161 -18.45 -33.73 -25.46
CA GLN D 161 -17.88 -32.41 -24.99
C GLN D 161 -18.89 -31.33 -24.60
N ASN D 162 -19.94 -31.20 -25.35
CA ASN D 162 -21.07 -30.38 -24.99
C ASN D 162 -21.76 -30.83 -23.70
N GLY D 163 -22.05 -29.86 -22.81
CA GLY D 163 -22.73 -30.21 -21.53
C GLY D 163 -21.85 -30.59 -20.35
N VAL D 164 -20.55 -30.39 -20.48
CA VAL D 164 -19.68 -30.65 -19.37
C VAL D 164 -19.44 -29.38 -18.58
N LEU D 165 -19.56 -29.49 -17.26
CA LEU D 165 -19.23 -28.43 -16.32
C LEU D 165 -18.28 -28.94 -15.19
N ASN D 166 -17.13 -28.29 -15.03
CA ASN D 166 -16.08 -28.70 -14.15
C ASN D 166 -15.78 -27.59 -13.15
N SER D 167 -15.58 -27.92 -11.90
CA SER D 167 -15.32 -26.90 -10.85
C SER D 167 -14.29 -27.46 -9.92
N TRP D 168 -13.21 -26.72 -9.70
CA TRP D 168 -12.13 -27.14 -8.80
C TRP D 168 -12.32 -26.49 -7.44
N THR D 169 -11.91 -27.16 -6.37
CA THR D 169 -11.84 -26.50 -5.06
C THR D 169 -10.59 -25.62 -5.02
N ASP D 170 -10.54 -24.69 -4.09
CA ASP D 170 -9.25 -24.10 -3.68
C ASP D 170 -8.34 -25.18 -3.13
N GLN D 171 -7.09 -24.83 -2.99
CA GLN D 171 -6.15 -25.75 -2.43
C GLN D 171 -6.50 -25.98 -0.96
N ASP D 172 -6.44 -27.24 -0.54
CA ASP D 172 -6.78 -27.65 0.80
C ASP D 172 -5.58 -27.30 1.76
N SER D 173 -5.73 -26.52 2.82
CA SER D 173 -4.62 -26.43 3.82
C SER D 173 -4.27 -27.72 4.63
N LYS D 174 -5.06 -28.77 4.62
CA LYS D 174 -4.75 -29.96 5.49
C LYS D 174 -3.60 -30.70 4.82
N ASP D 175 -3.78 -31.03 3.55
CA ASP D 175 -2.84 -31.82 2.77
C ASP D 175 -2.28 -31.20 1.50
N SER D 176 -2.59 -29.91 1.28
CA SER D 176 -2.19 -29.18 0.10
C SER D 176 -2.69 -29.72 -1.23
N THR D 177 -3.77 -30.51 -1.25
CA THR D 177 -4.31 -31.07 -2.48
C THR D 177 -5.46 -30.25 -3.04
N TYR D 178 -5.89 -30.65 -4.24
CA TYR D 178 -7.04 -30.12 -4.89
C TYR D 178 -7.99 -31.24 -5.12
N SER D 179 -9.24 -30.87 -5.25
CA SER D 179 -10.27 -31.78 -5.73
C SER D 179 -11.07 -31.07 -6.84
N MET D 180 -11.73 -31.87 -7.65
CA MET D 180 -12.53 -31.34 -8.69
C MET D 180 -13.79 -32.15 -8.92
N SER D 181 -14.87 -31.47 -9.33
CA SER D 181 -16.12 -32.13 -9.64
C SER D 181 -16.45 -31.90 -11.13
N SER D 182 -16.74 -32.98 -11.85
CA SER D 182 -17.12 -32.91 -13.29
C SER D 182 -18.53 -33.45 -13.51
N THR D 183 -19.36 -32.62 -14.13
CA THR D 183 -20.75 -32.87 -14.35
C THR D 183 -21.11 -32.79 -15.82
N LEU D 184 -21.52 -33.93 -16.34
CA LEU D 184 -22.08 -34.05 -17.69
C LEU D 184 -23.62 -34.02 -17.64
N THR D 185 -24.24 -33.00 -18.25
CA THR D 185 -25.66 -32.87 -18.26
C THR D 185 -26.24 -33.06 -19.65
N LEU D 186 -27.29 -33.87 -19.70
CA LEU D 186 -28.06 -34.24 -20.91
C LEU D 186 -29.54 -34.18 -20.61
N THR D 187 -30.37 -34.35 -21.64
CA THR D 187 -31.80 -34.54 -21.36
C THR D 187 -32.06 -35.98 -20.86
N LYS D 188 -33.12 -36.19 -20.10
CA LYS D 188 -33.57 -37.54 -19.76
C LYS D 188 -33.67 -38.34 -21.05
N ASP D 189 -34.28 -37.74 -22.08
CA ASP D 189 -34.49 -38.49 -23.34
C ASP D 189 -33.20 -39.01 -23.96
N GLU D 190 -32.15 -38.20 -23.96
CA GLU D 190 -30.95 -38.70 -24.55
C GLU D 190 -30.26 -39.70 -23.63
N TYR D 191 -30.26 -39.41 -22.32
CA TYR D 191 -29.76 -40.36 -21.28
C TYR D 191 -30.36 -41.76 -21.43
N GLU D 192 -31.67 -41.83 -21.62
CA GLU D 192 -32.35 -43.13 -21.80
C GLU D 192 -32.04 -43.85 -23.12
N ARG D 193 -31.28 -43.26 -24.04
CA ARG D 193 -30.89 -43.96 -25.28
C ARG D 193 -29.50 -44.58 -25.33
N HIS D 194 -28.73 -44.48 -24.26
CA HIS D 194 -27.36 -44.97 -24.27
C HIS D 194 -27.18 -45.82 -23.02
N ASN D 195 -26.26 -46.77 -23.03
CA ASN D 195 -26.07 -47.58 -21.83
C ASN D 195 -24.86 -47.17 -20.93
N SER D 196 -23.68 -47.09 -21.52
CA SER D 196 -22.46 -47.01 -20.78
C SER D 196 -21.94 -45.54 -20.72
N TYR D 197 -21.70 -45.06 -19.51
CA TYR D 197 -21.26 -43.71 -19.23
C TYR D 197 -19.96 -43.81 -18.47
N THR D 198 -18.92 -43.11 -18.96
CA THR D 198 -17.57 -43.24 -18.45
C THR D 198 -16.93 -41.85 -18.26
N CYS D 199 -16.30 -41.61 -17.12
CA CYS D 199 -15.35 -40.51 -17.02
C CYS D 199 -13.92 -41.04 -16.87
N GLU D 200 -13.00 -40.41 -17.58
CA GLU D 200 -11.61 -40.86 -17.59
C GLU D 200 -10.70 -39.76 -17.18
N ALA D 201 -9.96 -39.96 -16.10
CA ALA D 201 -9.11 -38.93 -15.48
C ALA D 201 -7.66 -39.15 -15.86
N THR D 202 -7.09 -38.15 -16.55
CA THR D 202 -5.72 -38.14 -16.98
C THR D 202 -4.96 -37.02 -16.25
N HIS D 203 -3.75 -37.37 -15.81
CA HIS D 203 -3.05 -36.64 -14.79
C HIS D 203 -1.59 -37.09 -14.85
N LYS D 204 -0.69 -36.11 -14.61
CA LYS D 204 0.78 -36.26 -14.46
C LYS D 204 1.29 -37.58 -13.74
N THR D 205 0.56 -38.05 -12.77
CA THR D 205 0.89 -39.27 -12.00
C THR D 205 0.81 -40.63 -12.70
N SER D 206 0.06 -40.76 -13.78
CA SER D 206 -0.06 -42.02 -14.50
C SER D 206 -0.17 -41.79 -15.95
N THR D 207 0.57 -42.65 -16.66
CA THR D 207 0.49 -42.73 -18.08
C THR D 207 -0.86 -43.27 -18.53
N SER D 208 -1.51 -44.11 -17.72
CA SER D 208 -2.88 -44.46 -18.07
C SER D 208 -3.93 -43.70 -17.25
N PRO D 209 -5.06 -43.38 -17.92
CA PRO D 209 -6.13 -42.76 -17.26
C PRO D 209 -6.77 -43.65 -16.23
N ILE D 210 -7.39 -43.01 -15.23
CA ILE D 210 -8.33 -43.67 -14.29
C ILE D 210 -9.76 -43.57 -14.86
N VAL D 211 -10.36 -44.73 -15.05
CA VAL D 211 -11.60 -44.90 -15.77
C VAL D 211 -12.62 -45.37 -14.77
N LYS D 212 -13.73 -44.66 -14.68
CA LYS D 212 -14.83 -45.08 -13.86
C LYS D 212 -16.06 -45.05 -14.73
N SER D 213 -16.93 -46.05 -14.58
CA SER D 213 -18.15 -46.13 -15.36
C SER D 213 -19.30 -46.81 -14.70
N PHE D 214 -20.46 -46.65 -15.28
CA PHE D 214 -21.54 -47.53 -14.90
C PHE D 214 -22.42 -47.76 -16.12
N ASN D 215 -23.17 -48.86 -16.08
CA ASN D 215 -24.17 -49.09 -17.08
C ASN D 215 -25.54 -48.68 -16.59
N ARG D 216 -26.30 -48.04 -17.46
CA ARG D 216 -27.60 -47.59 -17.08
C ARG D 216 -28.53 -48.71 -16.56
N ASN D 217 -28.25 -50.01 -16.72
CA ASN D 217 -29.01 -51.15 -16.00
C ASN D 217 -28.59 -51.54 -14.54
N SER E 1 22.38 24.26 27.38
CA SER E 1 22.31 23.90 25.97
C SER E 1 23.59 24.27 25.16
N LEU E 2 24.37 23.27 24.74
CA LEU E 2 25.53 23.55 23.86
C LEU E 2 25.12 24.00 22.43
N LEU E 3 23.85 23.84 22.03
CA LEU E 3 23.41 24.35 20.75
C LEU E 3 23.34 25.86 20.78
N THR E 4 23.20 26.45 22.00
CA THR E 4 23.15 27.92 22.09
C THR E 4 24.14 28.58 23.03
N GLU E 5 24.83 27.78 23.80
CA GLU E 5 25.77 28.32 24.82
C GLU E 5 27.10 27.61 24.67
N VAL E 6 28.18 28.28 25.11
CA VAL E 6 29.54 27.83 24.87
C VAL E 6 29.99 26.76 25.79
N GLU E 7 29.37 26.71 26.97
CA GLU E 7 29.67 25.66 27.97
C GLU E 7 28.33 25.22 28.50
N THR E 8 28.29 24.06 29.12
CA THR E 8 27.03 23.70 29.82
C THR E 8 27.14 23.93 31.28
N PRO E 9 26.05 24.33 31.94
CA PRO E 9 25.94 24.09 33.39
C PRO E 9 25.49 22.64 33.61
N SER F 1 -4.81 4.76 9.14
CA SER F 1 -5.74 3.75 8.64
C SER F 1 -6.83 3.51 9.70
N LEU F 2 -8.07 3.65 9.28
CA LEU F 2 -9.20 3.37 10.15
C LEU F 2 -9.45 1.85 10.22
N LEU F 3 -8.84 1.08 9.33
CA LEU F 3 -8.86 -0.35 9.44
C LEU F 3 -8.13 -0.93 10.65
N THR F 4 -7.15 -0.18 11.13
CA THR F 4 -6.38 -0.59 12.29
C THR F 4 -6.34 0.40 13.43
N GLU F 5 -6.87 1.61 13.24
CA GLU F 5 -6.80 2.66 14.21
C GLU F 5 -8.20 3.32 14.36
N VAL F 6 -8.43 3.86 15.54
CA VAL F 6 -9.72 4.49 15.95
C VAL F 6 -10.06 5.82 15.21
N GLU F 7 -9.04 6.55 14.78
CA GLU F 7 -9.14 7.90 14.19
C GLU F 7 -8.09 8.08 13.09
N THR F 8 -8.32 8.87 12.06
CA THR F 8 -7.23 9.18 11.09
C THR F 8 -6.69 10.55 11.33
N PRO F 9 -5.35 10.66 11.51
CA PRO F 9 -4.77 11.97 11.13
C PRO F 9 -4.71 11.96 9.57
S SO4 G . 18.83 18.89 38.14
O1 SO4 G . 18.17 17.60 37.86
O2 SO4 G . 17.80 19.96 38.03
O3 SO4 G . 19.93 19.02 37.14
O4 SO4 G . 19.41 18.95 39.51
S SO4 H . 1.07 14.49 3.20
O1 SO4 H . 0.91 15.18 4.50
O2 SO4 H . -0.22 13.83 2.97
O3 SO4 H . 1.27 15.52 2.16
O4 SO4 H . 2.29 13.59 3.21
#